data_9JIK
#
_entry.id   9JIK
#
_cell.length_a   1.00
_cell.length_b   1.00
_cell.length_c   1.00
_cell.angle_alpha   90.00
_cell.angle_beta   90.00
_cell.angle_gamma   90.00
#
_symmetry.space_group_name_H-M   'P 1'
#
loop_
_entity.id
_entity.type
_entity.pdbx_description
1 polymer 'Pro-secreted protein ORF2'
2 polymer 'C127 Fab light chain'
3 polymer 'C127 Fab heavy chain'
#
loop_
_entity_poly.entity_id
_entity_poly.type
_entity_poly.pdbx_seq_one_letter_code
_entity_poly.pdbx_strand_id
1 'polypeptide(L)'
;QLFYGRPQVSENGEPSVKLYTSVEAAQLDHGVTIPHDIDLGVSAITLQDFDNQHLQDRPTPSPAPARPITNWRSGDVVWV
TLPSAEYAQSQSAMGSHPAYWSEEATIINVATGQRAAVSSIKWDQVTLNGKALHKETHSGLVYYQLPLMGKINFWQQGTT
KAGYTYNYNTTDSDSLWVWWDGGSKAYLYISTYTTMLGAGPVNITGLGAVGPNPV
;
A,B
2 'polypeptide(L)'
;QFVLTQPPSVSAAPGQRVTISCSGSNSNIGHNYVCWYHHLPGTAPKLLIYDNNKRPSGIPDRFSGSKSGTSATLAITGLQ
TGDEADYFCETWDSSLSAVVFGGGTKVTVL
;
L,D
3 'polypeptide(L)'
;QVQLVQSGTELKKPGASVTVSCQASGYTFTRYGVSWMRQAPGQGLEWMGWISVHNGHTTYSQSVQGRVTVTTDTSTNTAY
MTLRGLRTDDTAVYYCARYRGSTVVPAAIVFDFWGQGTLVTVSS
;
H,C
#
# COMPACT_ATOMS: atom_id res chain seq x y z
N PRO A 65 -12.67 20.53 33.08
CA PRO A 65 -12.01 19.27 33.46
C PRO A 65 -11.92 18.29 32.29
N ALA A 66 -11.46 18.79 31.15
CA ALA A 66 -11.28 17.97 29.95
C ALA A 66 -10.16 18.58 29.12
N ARG A 67 -9.35 17.70 28.53
CA ARG A 67 -8.31 18.14 27.62
C ARG A 67 -8.95 18.75 26.39
N PRO A 68 -8.58 19.98 26.01
CA PRO A 68 -9.19 20.59 24.82
C PRO A 68 -8.69 19.93 23.54
N ILE A 69 -9.33 20.31 22.43
CA ILE A 69 -8.98 19.74 21.15
C ILE A 69 -7.63 20.27 20.66
N THR A 70 -7.19 21.42 21.18
CA THR A 70 -5.90 21.99 20.82
C THR A 70 -4.80 21.54 21.76
N ASN A 71 -4.71 20.23 21.98
CA ASN A 71 -3.74 19.66 22.91
C ASN A 71 -3.59 18.19 22.53
N TRP A 72 -2.43 17.80 22.03
CA TRP A 72 -2.23 16.45 21.53
C TRP A 72 -1.02 15.80 22.19
N ARG A 73 -1.19 14.58 22.66
CA ARG A 73 -0.11 13.74 23.15
C ARG A 73 0.30 12.76 22.07
N SER A 74 1.57 12.37 22.10
CA SER A 74 2.03 11.36 21.15
C SER A 74 1.49 9.99 21.54
N GLY A 75 0.38 9.60 20.95
CA GLY A 75 -0.26 8.35 21.31
C GLY A 75 -1.76 8.46 21.34
N ASP A 76 -2.27 9.66 21.09
CA ASP A 76 -3.69 9.87 20.95
C ASP A 76 -4.19 9.26 19.64
N VAL A 77 -5.50 9.15 19.53
CA VAL A 77 -6.13 8.63 18.30
C VAL A 77 -6.95 9.75 17.69
N VAL A 78 -6.68 10.06 16.43
CA VAL A 78 -7.37 11.12 15.71
C VAL A 78 -8.36 10.48 14.73
N TRP A 79 -9.56 11.04 14.67
CA TRP A 79 -10.65 10.53 13.85
C TRP A 79 -11.14 11.70 13.02
N VAL A 80 -10.59 11.87 11.83
CA VAL A 80 -11.00 12.95 10.95
C VAL A 80 -12.06 12.43 9.99
N THR A 81 -13.10 13.22 9.81
CA THR A 81 -14.05 12.98 8.74
C THR A 81 -14.00 14.14 7.77
N LEU A 82 -14.25 13.85 6.50
CA LEU A 82 -14.13 14.84 5.43
C LEU A 82 -15.45 14.86 4.69
N PRO A 83 -16.36 15.76 5.07
CA PRO A 83 -17.53 16.03 4.24
C PRO A 83 -17.07 16.54 2.89
N SER A 84 -17.90 16.26 1.88
CA SER A 84 -17.51 15.79 0.55
C SER A 84 -16.22 16.41 0.02
N ALA A 85 -15.24 15.56 -0.24
CA ALA A 85 -13.85 15.96 -0.38
C ALA A 85 -13.37 15.77 -1.81
N GLU A 86 -12.57 16.71 -2.28
CA GLU A 86 -12.07 16.71 -3.64
C GLU A 86 -10.63 16.23 -3.70
N TYR A 87 -10.26 15.71 -4.86
CA TYR A 87 -8.93 15.20 -5.13
C TYR A 87 -8.01 16.32 -5.59
N ALA A 88 -6.85 16.43 -4.95
CA ALA A 88 -5.78 17.28 -5.41
C ALA A 88 -4.66 16.42 -5.96
N GLN A 89 -3.88 16.99 -6.87
CA GLN A 89 -2.88 16.24 -7.62
C GLN A 89 -1.46 16.55 -7.20
N SER A 90 -1.15 17.80 -6.88
CA SER A 90 0.22 18.26 -6.72
C SER A 90 0.36 19.04 -5.43
N GLN A 91 -0.08 18.47 -4.32
CA GLN A 91 -0.08 19.18 -3.06
C GLN A 91 1.34 19.36 -2.53
N SER A 92 1.64 20.59 -2.10
N SER A 92 1.64 20.59 -2.10
CA SER A 92 3.01 21.01 -1.84
CA SER A 92 3.01 21.01 -1.84
C SER A 92 3.45 20.85 -0.39
C SER A 92 3.45 20.85 -0.39
N ALA A 93 2.51 20.73 0.54
CA ALA A 93 2.91 20.48 1.92
C ALA A 93 3.45 19.06 2.08
N MET A 94 2.86 18.12 1.35
CA MET A 94 3.32 16.74 1.27
C MET A 94 4.18 16.48 0.03
N GLY A 95 5.18 17.33 -0.20
CA GLY A 95 6.05 17.14 -1.34
C GLY A 95 5.49 17.72 -2.63
N SER A 96 5.11 16.86 -3.56
CA SER A 96 4.39 17.24 -4.77
C SER A 96 3.37 16.19 -5.11
N HIS A 97 2.80 15.58 -4.09
CA HIS A 97 2.11 14.32 -4.11
C HIS A 97 0.61 14.53 -3.88
N PRO A 98 -0.24 13.63 -4.38
CA PRO A 98 -1.69 13.89 -4.37
C PRO A 98 -2.31 13.86 -2.98
N ALA A 99 -3.57 14.29 -2.92
CA ALA A 99 -4.31 14.35 -1.68
C ALA A 99 -5.81 14.44 -1.94
N TYR A 100 -6.61 13.94 -1.01
CA TYR A 100 -8.00 14.37 -0.88
C TYR A 100 -8.07 15.46 0.16
N TRP A 101 -8.90 16.47 -0.10
CA TRP A 101 -9.03 17.57 0.83
C TRP A 101 -10.48 18.00 0.94
N SER A 102 -10.86 18.43 2.14
CA SER A 102 -12.20 18.91 2.40
C SER A 102 -12.14 20.31 2.99
N GLU A 103 -13.23 21.05 2.81
CA GLU A 103 -13.36 22.37 3.39
C GLU A 103 -13.97 22.34 4.78
N GLU A 104 -14.87 21.41 5.03
CA GLU A 104 -15.68 21.39 6.24
C GLU A 104 -15.38 20.15 7.08
N ALA A 105 -14.11 19.80 7.21
CA ALA A 105 -13.71 18.60 7.91
C ALA A 105 -13.88 18.77 9.42
N THR A 106 -13.85 17.63 10.12
CA THR A 106 -14.08 17.59 11.57
C THR A 106 -13.04 16.68 12.21
N ILE A 107 -12.27 17.23 13.13
CA ILE A 107 -11.23 16.49 13.83
C ILE A 107 -11.77 16.07 15.20
N ILE A 108 -11.47 14.83 15.59
CA ILE A 108 -12.04 14.21 16.79
C ILE A 108 -10.92 13.49 17.53
N ASN A 109 -10.79 13.77 18.84
CA ASN A 109 -9.92 12.96 19.70
C ASN A 109 -10.76 11.84 20.29
N VAL A 110 -10.30 10.60 20.12
CA VAL A 110 -11.16 9.46 20.41
C VAL A 110 -11.10 9.10 21.89
N ALA A 111 -9.91 9.17 22.49
CA ALA A 111 -9.77 8.77 23.89
C ALA A 111 -10.42 9.77 24.83
N THR A 112 -10.44 11.05 24.47
CA THR A 112 -11.08 12.05 25.30
C THR A 112 -12.51 12.33 24.89
N GLY A 113 -12.83 12.16 23.62
CA GLY A 113 -14.17 12.40 23.12
C GLY A 113 -14.44 13.81 22.67
N GLN A 114 -13.40 14.62 22.44
CA GLN A 114 -13.58 16.03 22.12
C GLN A 114 -13.68 16.20 20.62
N ARG A 115 -14.76 16.84 20.17
CA ARG A 115 -15.02 17.03 18.76
C ARG A 115 -14.99 18.51 18.43
N ALA A 116 -14.44 18.85 17.27
CA ALA A 116 -14.38 20.23 16.84
C ALA A 116 -14.26 20.27 15.32
N ALA A 117 -14.81 21.32 14.73
CA ALA A 117 -14.65 21.54 13.31
C ALA A 117 -13.26 22.08 13.03
N VAL A 118 -12.71 21.72 11.88
CA VAL A 118 -11.34 22.11 11.53
C VAL A 118 -11.26 23.61 11.26
N SER A 119 -12.31 24.18 10.67
CA SER A 119 -12.29 25.60 10.34
C SER A 119 -12.54 26.50 11.54
N SER A 120 -12.92 25.94 12.69
CA SER A 120 -13.20 26.73 13.88
C SER A 120 -12.06 26.66 14.90
N ILE A 121 -10.89 26.19 14.51
CA ILE A 121 -9.76 26.00 15.42
C ILE A 121 -8.66 26.96 15.03
N LYS A 122 -8.19 27.75 15.99
CA LYS A 122 -6.97 28.53 15.81
C LYS A 122 -5.80 27.56 15.80
N TRP A 123 -5.25 27.29 14.62
CA TRP A 123 -4.24 26.25 14.50
C TRP A 123 -2.86 26.68 14.95
N ASP A 124 -2.66 27.95 15.27
CA ASP A 124 -1.41 28.36 15.89
C ASP A 124 -1.39 28.09 17.39
N GLN A 125 -2.54 27.79 17.99
CA GLN A 125 -2.64 27.49 19.40
C GLN A 125 -2.67 26.01 19.69
N VAL A 126 -2.61 25.17 18.67
CA VAL A 126 -2.59 23.74 18.84
C VAL A 126 -1.16 23.31 19.15
N THR A 127 -0.98 22.46 20.15
CA THR A 127 0.34 22.01 20.56
C THR A 127 0.42 20.49 20.55
N LEU A 128 1.59 19.97 20.24
CA LEU A 128 1.88 18.53 20.29
C LEU A 128 2.93 18.28 21.35
N ASN A 129 2.56 17.55 22.40
CA ASN A 129 3.37 17.31 23.60
C ASN A 129 3.84 18.62 24.23
N GLY A 130 2.96 19.62 24.20
CA GLY A 130 3.27 20.94 24.71
C GLY A 130 3.89 21.87 23.69
N LYS A 131 4.80 21.35 22.87
CA LYS A 131 5.46 22.17 21.88
C LYS A 131 4.55 22.41 20.68
N ALA A 132 4.76 23.54 20.01
CA ALA A 132 3.90 23.95 18.92
C ALA A 132 4.13 23.09 17.69
N LEU A 133 3.08 22.97 16.88
CA LEU A 133 3.16 22.18 15.65
C LEU A 133 4.09 22.83 14.63
N HIS A 134 4.66 21.99 13.79
CA HIS A 134 5.55 22.45 12.74
C HIS A 134 4.75 23.10 11.63
N LYS A 135 5.23 24.24 11.14
CA LYS A 135 4.56 24.99 10.10
C LYS A 135 5.48 25.20 8.91
N GLU A 136 4.87 25.21 7.73
CA GLU A 136 5.58 25.44 6.48
C GLU A 136 4.77 26.44 5.68
N THR A 137 5.45 27.32 4.95
CA THR A 137 4.78 28.19 3.99
C THR A 137 5.20 27.76 2.58
N HIS A 138 4.22 27.53 1.73
CA HIS A 138 4.43 27.18 0.34
C HIS A 138 3.54 28.05 -0.52
N SER A 139 4.16 28.81 -1.42
CA SER A 139 3.49 29.80 -2.28
C SER A 139 2.70 30.82 -1.46
N GLY A 140 3.23 31.19 -0.30
CA GLY A 140 2.60 32.20 0.50
C GLY A 140 1.40 31.75 1.30
N LEU A 141 1.22 30.45 1.51
CA LEU A 141 0.14 29.94 2.33
C LEU A 141 0.72 28.97 3.36
N VAL A 142 0.24 29.06 4.60
CA VAL A 142 0.86 28.37 5.72
C VAL A 142 0.13 27.05 5.97
N TYR A 143 0.90 25.96 6.03
CA TYR A 143 0.38 24.64 6.32
C TYR A 143 0.91 24.15 7.67
N TYR A 144 0.06 23.46 8.42
CA TYR A 144 0.42 22.94 9.74
C TYR A 144 0.48 21.42 9.71
N GLN A 145 1.44 20.86 10.42
CA GLN A 145 1.69 19.42 10.41
C GLN A 145 1.32 18.82 11.76
N LEU A 146 0.32 17.95 11.76
CA LEU A 146 0.07 17.07 12.90
C LEU A 146 0.60 15.70 12.51
N PRO A 147 1.82 15.34 12.91
CA PRO A 147 2.42 14.11 12.38
C PRO A 147 1.80 12.88 13.00
N LEU A 148 1.43 11.93 12.14
CA LEU A 148 0.91 10.66 12.60
C LEU A 148 2.07 9.70 12.81
N MET A 149 1.73 8.46 13.11
CA MET A 149 2.74 7.49 13.52
C MET A 149 2.22 6.13 13.08
N GLY A 150 2.68 5.70 11.91
CA GLY A 150 1.96 4.77 11.06
C GLY A 150 1.33 5.49 9.88
N LYS A 151 0.77 4.71 8.97
CA LYS A 151 0.12 5.29 7.81
C LYS A 151 -1.29 5.74 8.16
N ILE A 152 -1.73 6.82 7.53
CA ILE A 152 -3.11 7.25 7.76
C ILE A 152 -4.04 6.30 7.02
N ASN A 153 -5.11 5.90 7.69
CA ASN A 153 -6.12 5.03 7.12
C ASN A 153 -7.32 5.88 6.77
N PHE A 154 -7.89 5.68 5.59
CA PHE A 154 -9.10 6.38 5.22
C PHE A 154 -9.93 5.50 4.31
N TRP A 155 -11.20 5.85 4.20
CA TRP A 155 -12.19 5.06 3.49
C TRP A 155 -13.35 5.96 3.15
N GLN A 156 -14.14 5.53 2.17
CA GLN A 156 -15.37 6.26 1.85
C GLN A 156 -16.34 6.11 3.00
N GLN A 157 -16.94 7.22 3.42
CA GLN A 157 -17.77 7.23 4.61
C GLN A 157 -19.03 6.40 4.42
N GLY A 158 -19.27 5.49 5.36
CA GLY A 158 -20.42 4.62 5.31
C GLY A 158 -20.21 3.36 4.50
N THR A 159 -19.23 3.36 3.61
CA THR A 159 -18.92 2.24 2.75
C THR A 159 -17.67 1.56 3.29
N THR A 160 -17.60 0.24 3.15
CA THR A 160 -16.40 -0.47 3.56
C THR A 160 -15.25 -0.34 2.57
N LYS A 161 -15.45 0.37 1.45
CA LYS A 161 -14.39 0.54 0.47
C LYS A 161 -13.37 1.52 0.99
N ALA A 162 -12.10 1.14 0.92
CA ALA A 162 -11.01 1.88 1.55
C ALA A 162 -10.14 2.56 0.51
N GLY A 163 -9.25 3.42 1.00
CA GLY A 163 -8.26 4.07 0.17
C GLY A 163 -6.87 3.86 0.77
N TYR A 164 -5.86 4.16 -0.03
CA TYR A 164 -4.49 3.92 0.36
C TYR A 164 -3.63 5.12 0.01
N THR A 165 -2.52 5.27 0.72
CA THR A 165 -1.74 6.50 0.71
C THR A 165 -0.76 6.50 -0.45
N TYR A 166 0.07 7.54 -0.51
CA TYR A 166 1.02 7.66 -1.61
C TYR A 166 2.18 6.68 -1.43
N ASN A 167 2.77 6.65 -0.26
CA ASN A 167 3.83 5.68 0.05
C ASN A 167 3.22 4.39 0.60
N TYR A 168 2.41 3.78 -0.25
CA TYR A 168 1.57 2.66 0.16
C TYR A 168 2.35 1.36 0.36
N ASN A 169 3.59 1.30 -0.10
CA ASN A 169 4.47 0.16 0.10
C ASN A 169 5.84 0.62 0.57
N THR A 170 5.84 1.52 1.54
CA THR A 170 7.07 2.10 2.06
C THR A 170 6.92 2.20 3.58
N THR A 171 7.97 1.83 4.31
CA THR A 171 7.92 1.84 5.77
C THR A 171 8.09 3.26 6.31
N ASP A 172 7.12 4.11 6.03
CA ASP A 172 7.09 5.48 6.49
C ASP A 172 5.78 5.76 7.22
N SER A 173 5.81 6.78 8.06
CA SER A 173 4.61 7.27 8.70
C SER A 173 4.07 8.46 7.92
N ASP A 174 2.80 8.76 8.15
CA ASP A 174 2.17 9.89 7.50
C ASP A 174 2.06 11.06 8.46
N SER A 175 1.56 12.17 7.94
CA SER A 175 1.20 13.33 8.75
C SER A 175 -0.24 13.67 8.46
N LEU A 176 -0.70 14.78 9.01
CA LEU A 176 -2.06 15.24 8.81
C LEU A 176 -1.95 16.75 8.61
N TRP A 177 -1.92 17.17 7.35
CA TRP A 177 -1.59 18.55 7.00
C TRP A 177 -2.83 19.42 7.02
N VAL A 178 -2.72 20.58 7.65
CA VAL A 178 -3.83 21.52 7.80
C VAL A 178 -3.42 22.86 7.23
N TRP A 179 -4.13 23.30 6.20
CA TRP A 179 -4.05 24.69 5.80
C TRP A 179 -4.94 25.54 6.70
N TRP A 180 -4.47 26.74 7.04
CA TRP A 180 -5.26 27.63 7.87
C TRP A 180 -5.10 29.06 7.38
N ASP A 181 -6.23 29.71 7.12
CA ASP A 181 -6.23 31.04 6.53
C ASP A 181 -5.82 32.11 7.53
N GLY A 182 -6.19 31.93 8.80
CA GLY A 182 -6.05 32.94 9.82
C GLY A 182 -7.38 33.34 10.44
N GLY A 183 -8.47 33.19 9.69
CA GLY A 183 -9.79 33.41 10.23
C GLY A 183 -10.55 32.11 10.34
N SER A 184 -11.82 32.11 9.95
CA SER A 184 -12.65 30.92 10.05
C SER A 184 -12.68 30.18 8.71
N LYS A 185 -11.51 29.66 8.33
CA LYS A 185 -11.36 28.92 7.08
C LYS A 185 -10.14 28.02 7.19
N ALA A 186 -10.33 26.72 7.02
CA ALA A 186 -9.24 25.78 7.14
C ALA A 186 -9.52 24.55 6.29
N TYR A 187 -8.46 23.96 5.75
CA TYR A 187 -8.55 22.76 4.93
C TYR A 187 -7.80 21.63 5.62
N LEU A 188 -8.13 20.40 5.25
CA LEU A 188 -7.52 19.22 5.84
C LEU A 188 -7.13 18.27 4.72
N TYR A 189 -5.88 17.82 4.73
CA TYR A 189 -5.31 17.02 3.65
C TYR A 189 -4.97 15.62 4.14
N ILE A 190 -5.22 14.63 3.27
CA ILE A 190 -4.79 13.26 3.50
C ILE A 190 -3.98 12.82 2.30
N SER A 191 -2.75 12.35 2.54
CA SER A 191 -1.87 11.93 1.46
C SER A 191 -2.40 10.67 0.79
N THR A 192 -2.69 10.75 -0.50
CA THR A 192 -3.23 9.65 -1.28
C THR A 192 -2.32 9.34 -2.45
N TYR A 193 -2.67 8.28 -3.17
CA TYR A 193 -1.93 7.87 -4.35
C TYR A 193 -2.63 8.28 -5.63
N THR A 194 -3.93 8.03 -5.73
CA THR A 194 -4.68 8.29 -6.94
C THR A 194 -6.15 8.48 -6.57
N THR A 195 -7.01 8.49 -7.57
CA THR A 195 -8.45 8.52 -7.34
C THR A 195 -8.97 7.08 -7.23
N MET A 196 -8.59 6.43 -6.14
CA MET A 196 -9.13 5.10 -5.88
C MET A 196 -10.50 5.15 -5.23
N LEU A 197 -10.92 6.32 -4.75
CA LEU A 197 -12.24 6.52 -4.19
C LEU A 197 -13.07 7.48 -5.01
N GLY A 198 -12.51 8.06 -6.07
CA GLY A 198 -13.21 9.00 -6.91
C GLY A 198 -12.42 10.27 -7.10
N ALA A 199 -12.87 11.05 -8.08
CA ALA A 199 -12.27 12.36 -8.34
C ALA A 199 -12.79 13.44 -7.43
N GLY A 200 -13.75 13.13 -6.56
CA GLY A 200 -14.34 14.11 -5.70
C GLY A 200 -15.53 14.78 -6.37
N PRO A 201 -16.47 15.28 -5.57
CA PRO A 201 -16.53 15.27 -4.10
C PRO A 201 -17.07 13.96 -3.51
N VAL A 202 -16.42 13.50 -2.45
CA VAL A 202 -16.70 12.21 -1.82
C VAL A 202 -16.49 12.35 -0.31
N ASN A 203 -17.36 11.72 0.47
CA ASN A 203 -17.26 11.73 1.92
C ASN A 203 -16.20 10.73 2.36
N ILE A 204 -15.20 11.20 3.10
CA ILE A 204 -14.07 10.41 3.55
C ILE A 204 -14.03 10.46 5.07
N THR A 205 -13.79 9.32 5.70
CA THR A 205 -13.48 9.26 7.13
C THR A 205 -12.08 8.71 7.31
N GLY A 206 -11.25 9.43 8.05
CA GLY A 206 -9.87 9.04 8.29
C GLY A 206 -9.66 8.49 9.69
N LEU A 207 -8.45 7.97 9.90
CA LEU A 207 -8.07 7.38 11.19
C LEU A 207 -6.56 7.35 11.29
N GLY A 208 -6.03 7.92 12.37
CA GLY A 208 -4.60 7.96 12.57
C GLY A 208 -4.24 7.91 14.04
N ALA A 209 -2.99 7.58 14.31
CA ALA A 209 -2.43 7.59 15.65
C ALA A 209 -1.42 8.72 15.75
N VAL A 210 -1.58 9.56 16.78
CA VAL A 210 -0.82 10.80 16.86
C VAL A 210 0.63 10.50 17.23
N GLY A 211 1.56 11.17 16.56
CA GLY A 211 2.95 10.78 16.62
C GLY A 211 3.89 11.71 17.35
N PRO A 212 5.19 11.44 17.22
CA PRO A 212 6.19 12.22 17.94
C PRO A 212 6.34 13.62 17.37
N ASN A 213 7.04 14.46 18.14
CA ASN A 213 7.37 15.79 17.68
C ASN A 213 8.39 15.70 16.54
N PRO A 214 8.23 16.48 15.48
CA PRO A 214 9.21 16.46 14.38
C PRO A 214 10.52 17.11 14.82
N VAL A 215 11.60 16.38 14.64
CA VAL A 215 12.92 16.86 15.03
C VAL A 215 13.47 17.83 14.00
N VAL B 3 -12.35 2.82 -27.17
CA VAL B 3 -13.55 2.93 -27.98
C VAL B 3 -14.76 2.47 -27.18
N LEU B 4 -15.70 3.38 -26.96
CA LEU B 4 -16.90 3.12 -26.18
C LEU B 4 -18.10 3.07 -27.11
N THR B 5 -18.92 2.04 -26.99
CA THR B 5 -20.02 1.77 -27.90
C THR B 5 -21.35 1.96 -27.19
N GLN B 6 -22.27 2.65 -27.83
CA GLN B 6 -23.58 2.98 -27.30
C GLN B 6 -24.66 2.64 -28.31
N PRO B 7 -25.89 2.43 -27.87
CA PRO B 7 -27.00 2.41 -28.82
C PRO B 7 -27.22 3.81 -29.37
N PRO B 8 -27.54 3.92 -30.66
CA PRO B 8 -27.72 5.26 -31.24
C PRO B 8 -28.98 5.95 -30.78
N SER B 9 -30.00 5.20 -30.36
CA SER B 9 -31.26 5.80 -29.97
C SER B 9 -31.97 4.91 -28.97
N VAL B 10 -32.48 5.52 -27.91
CA VAL B 10 -33.34 4.86 -26.95
C VAL B 10 -34.62 5.69 -26.84
N SER B 11 -35.73 5.01 -26.60
CA SER B 11 -37.04 5.65 -26.66
C SER B 11 -37.95 5.08 -25.58
N ALA B 12 -38.80 5.95 -25.03
CA ALA B 12 -39.81 5.50 -24.07
C ALA B 12 -40.96 6.50 -24.04
N ALA B 13 -42.07 6.05 -23.46
CA ALA B 13 -43.22 6.90 -23.21
C ALA B 13 -42.91 7.90 -22.11
N PRO B 14 -43.64 9.02 -22.05
CA PRO B 14 -43.46 9.96 -20.93
C PRO B 14 -43.91 9.32 -19.62
N GLY B 15 -42.98 9.21 -18.69
CA GLY B 15 -43.25 8.59 -17.40
C GLY B 15 -42.53 7.28 -17.18
N GLN B 16 -42.01 6.65 -18.23
CA GLN B 16 -41.29 5.40 -18.09
C GLN B 16 -39.82 5.69 -17.82
N ARG B 17 -38.99 4.66 -17.87
CA ARG B 17 -37.56 4.81 -17.67
C ARG B 17 -36.79 4.31 -18.88
N VAL B 18 -35.60 4.86 -19.08
CA VAL B 18 -34.68 4.40 -20.11
C VAL B 18 -33.39 3.96 -19.45
N THR B 19 -32.67 3.09 -20.15
CA THR B 19 -31.35 2.65 -19.73
C THR B 19 -30.39 2.87 -20.88
N ILE B 20 -29.50 3.85 -20.72
CA ILE B 20 -28.48 4.16 -21.72
C ILE B 20 -27.18 3.52 -21.23
N SER B 21 -26.60 2.66 -22.06
CA SER B 21 -25.50 1.81 -21.61
C SER B 21 -24.31 1.92 -22.55
N CYS B 22 -23.13 2.06 -21.97
CA CYS B 22 -21.88 1.98 -22.72
C CYS B 22 -21.32 0.56 -22.63
N SER B 23 -20.26 0.33 -23.40
CA SER B 23 -19.59 -0.98 -23.39
C SER B 23 -18.15 -0.75 -23.81
N GLY B 24 -17.23 -0.79 -22.85
CA GLY B 24 -15.83 -0.60 -23.16
C GLY B 24 -15.04 -1.88 -23.06
N SER B 25 -13.94 -1.86 -22.33
CA SER B 25 -13.12 -3.04 -22.13
C SER B 25 -12.52 -2.95 -20.73
N ASN B 26 -11.52 -3.79 -20.47
CA ASN B 26 -10.92 -3.82 -19.15
C ASN B 26 -9.98 -2.64 -18.93
N SER B 27 -9.56 -1.96 -19.99
CA SER B 27 -8.74 -0.77 -19.87
C SER B 27 -9.55 0.52 -19.92
N ASN B 28 -10.83 0.44 -20.30
CA ASN B 28 -11.70 1.62 -20.34
C ASN B 28 -12.47 1.78 -19.04
N ILE B 29 -13.30 0.80 -18.71
CA ILE B 29 -14.32 0.95 -17.69
C ILE B 29 -14.08 0.02 -16.51
N GLY B 30 -13.48 -1.15 -16.73
CA GLY B 30 -13.30 -2.13 -15.66
C GLY B 30 -12.36 -1.70 -14.56
N HIS B 31 -11.47 -0.76 -14.85
CA HIS B 31 -10.51 -0.28 -13.85
C HIS B 31 -10.59 1.22 -13.62
N ASN B 32 -11.55 1.91 -14.22
CA ASN B 32 -11.64 3.36 -14.12
C ASN B 32 -13.07 3.75 -13.81
N TYR B 33 -13.26 5.03 -13.51
CA TYR B 33 -14.58 5.55 -13.17
C TYR B 33 -15.14 6.31 -14.37
N VAL B 34 -16.36 5.98 -14.75
CA VAL B 34 -16.98 6.52 -15.95
C VAL B 34 -17.81 7.74 -15.55
N CYS B 35 -18.07 8.62 -16.51
CA CYS B 35 -18.89 9.79 -16.30
C CYS B 35 -19.91 9.92 -17.42
N TRP B 36 -21.07 10.48 -17.09
CA TRP B 36 -22.18 10.65 -18.01
C TRP B 36 -22.50 12.13 -18.17
N TYR B 37 -22.72 12.55 -19.41
CA TYR B 37 -22.89 13.96 -19.75
C TYR B 37 -24.20 14.13 -20.51
N HIS B 38 -24.77 15.33 -20.40
CA HIS B 38 -26.00 15.71 -21.07
C HIS B 38 -25.71 16.85 -22.03
N HIS B 39 -26.15 16.71 -23.28
CA HIS B 39 -25.73 17.66 -24.30
C HIS B 39 -26.83 17.89 -25.33
N LEU B 40 -27.51 19.02 -25.23
CA LEU B 40 -28.31 19.51 -26.34
C LEU B 40 -27.41 19.91 -27.49
N PRO B 41 -27.87 19.78 -28.74
CA PRO B 41 -27.05 20.23 -29.87
C PRO B 41 -26.99 21.75 -29.93
N GLY B 42 -25.78 22.27 -30.07
CA GLY B 42 -25.58 23.70 -30.12
C GLY B 42 -25.51 24.38 -28.76
N THR B 43 -25.25 23.62 -27.71
CA THR B 43 -25.19 24.16 -26.36
C THR B 43 -23.91 23.59 -25.73
N ALA B 44 -23.68 23.79 -24.45
CA ALA B 44 -22.57 23.18 -23.75
C ALA B 44 -22.99 21.86 -23.13
N PRO B 45 -22.11 20.88 -23.07
CA PRO B 45 -22.43 19.64 -22.35
C PRO B 45 -22.50 19.88 -20.86
N LYS B 46 -23.27 19.04 -20.18
CA LYS B 46 -23.54 19.22 -18.76
C LYS B 46 -23.33 17.90 -18.04
N LEU B 47 -22.58 17.94 -16.95
CA LEU B 47 -22.29 16.74 -16.16
C LEU B 47 -23.55 16.23 -15.48
N LEU B 48 -23.76 14.92 -15.56
CA LEU B 48 -24.86 14.26 -14.86
C LEU B 48 -24.38 13.29 -13.80
N ILE B 49 -23.48 12.38 -14.16
CA ILE B 49 -23.01 11.32 -13.27
C ILE B 49 -21.49 11.37 -13.27
N TYR B 50 -20.90 11.36 -12.08
CA TYR B 50 -19.46 11.17 -11.93
C TYR B 50 -19.24 10.07 -10.92
N ASP B 51 -18.06 9.44 -11.01
CA ASP B 51 -17.62 8.34 -10.13
C ASP B 51 -18.60 7.16 -10.16
N ASN B 52 -19.23 6.99 -11.33
CA ASN B 52 -20.14 5.95 -11.79
C ASN B 52 -21.53 6.01 -11.16
N ASN B 53 -21.71 6.74 -10.06
CA ASN B 53 -23.03 6.69 -9.44
C ASN B 53 -23.41 7.97 -8.70
N LYS B 54 -22.75 9.08 -9.02
CA LYS B 54 -22.92 10.25 -8.15
C LYS B 54 -23.31 11.46 -8.96
N ARG B 55 -24.27 12.20 -8.45
CA ARG B 55 -24.84 13.40 -9.03
C ARG B 55 -24.14 14.62 -8.48
N PRO B 56 -23.93 15.67 -9.27
CA PRO B 56 -23.57 16.96 -8.68
C PRO B 56 -24.79 17.63 -8.07
N SER B 57 -24.57 18.84 -7.56
CA SER B 57 -25.69 19.64 -7.09
C SER B 57 -26.50 20.14 -8.28
N GLY B 58 -27.81 20.17 -8.10
CA GLY B 58 -28.68 20.66 -9.17
C GLY B 58 -28.99 19.64 -10.24
N ILE B 59 -28.69 18.38 -10.00
CA ILE B 59 -29.08 17.28 -10.88
C ILE B 59 -30.18 16.50 -10.17
N PRO B 60 -31.31 16.23 -10.81
CA PRO B 60 -32.44 15.60 -10.11
C PRO B 60 -32.18 14.13 -9.81
N ASP B 61 -33.06 13.58 -8.97
CA ASP B 61 -32.99 12.18 -8.58
C ASP B 61 -33.42 11.24 -9.68
N ARG B 62 -34.03 11.78 -10.74
CA ARG B 62 -34.39 11.01 -11.92
C ARG B 62 -33.17 10.37 -12.56
N PHE B 63 -32.05 11.05 -12.55
CA PHE B 63 -30.84 10.56 -13.18
C PHE B 63 -30.01 9.74 -12.19
N SER B 64 -29.72 8.50 -12.54
CA SER B 64 -28.89 7.63 -11.72
C SER B 64 -28.06 6.74 -12.63
N GLY B 65 -26.83 6.46 -12.18
CA GLY B 65 -25.91 5.65 -12.96
C GLY B 65 -25.42 4.46 -12.15
N SER B 66 -24.68 3.59 -12.84
CA SER B 66 -24.13 2.39 -12.22
C SER B 66 -22.97 1.91 -13.08
N LYS B 67 -22.33 0.85 -12.60
CA LYS B 67 -21.23 0.22 -13.34
C LYS B 67 -21.17 -1.23 -12.91
N SER B 68 -21.01 -2.13 -13.88
CA SER B 68 -20.93 -3.57 -13.60
C SER B 68 -19.90 -4.16 -14.56
N GLY B 69 -18.67 -4.31 -14.08
CA GLY B 69 -17.61 -4.85 -14.90
C GLY B 69 -17.11 -3.84 -15.92
N THR B 70 -17.19 -4.18 -17.20
CA THR B 70 -16.78 -3.30 -18.28
C THR B 70 -17.96 -2.55 -18.89
N SER B 71 -19.12 -2.60 -18.25
CA SER B 71 -20.31 -1.92 -18.72
C SER B 71 -20.73 -0.88 -17.70
N ALA B 72 -21.52 0.08 -18.16
CA ALA B 72 -21.96 1.19 -17.33
C ALA B 72 -23.25 1.73 -17.89
N THR B 73 -24.26 1.91 -17.04
CA THR B 73 -25.61 2.18 -17.50
C THR B 73 -26.16 3.42 -16.83
N LEU B 74 -26.63 4.37 -17.64
CA LEU B 74 -27.34 5.54 -17.14
C LEU B 74 -28.84 5.25 -17.14
N ALA B 75 -29.47 5.43 -15.98
CA ALA B 75 -30.91 5.20 -15.83
C ALA B 75 -31.59 6.53 -15.60
N ILE B 76 -32.65 6.78 -16.34
CA ILE B 76 -33.41 8.02 -16.24
C ILE B 76 -34.84 7.60 -15.89
N THR B 77 -35.15 7.56 -14.60
CA THR B 77 -36.38 6.94 -14.13
C THR B 77 -37.48 7.98 -14.01
N GLY B 78 -38.51 7.84 -14.85
CA GLY B 78 -39.57 8.83 -14.88
C GLY B 78 -39.34 9.87 -15.96
N LEU B 79 -39.15 9.40 -17.19
CA LEU B 79 -38.79 10.26 -18.31
C LEU B 79 -39.91 11.25 -18.63
N GLN B 80 -39.53 12.50 -18.80
CA GLN B 80 -40.46 13.58 -19.09
C GLN B 80 -39.96 14.37 -20.28
N THR B 81 -40.70 15.41 -20.65
CA THR B 81 -40.27 16.29 -21.72
C THR B 81 -39.14 17.19 -21.24
N GLY B 82 -38.33 17.64 -22.19
CA GLY B 82 -37.11 18.37 -21.89
C GLY B 82 -35.88 17.49 -21.86
N ASP B 83 -36.05 16.19 -21.76
CA ASP B 83 -34.95 15.23 -21.83
C ASP B 83 -34.85 14.64 -23.24
N GLU B 84 -34.55 15.52 -24.20
CA GLU B 84 -34.40 15.12 -25.60
C GLU B 84 -33.06 15.66 -26.09
N ALA B 85 -31.99 14.91 -25.84
CA ALA B 85 -30.65 15.34 -26.21
C ALA B 85 -29.77 14.11 -26.32
N ASP B 86 -28.46 14.34 -26.40
CA ASP B 86 -27.49 13.27 -26.44
C ASP B 86 -26.99 12.96 -25.04
N TYR B 87 -26.62 11.70 -24.84
CA TYR B 87 -26.07 11.23 -23.58
C TYR B 87 -24.88 10.34 -23.93
N PHE B 88 -23.72 10.63 -23.35
CA PHE B 88 -22.51 9.96 -23.78
C PHE B 88 -21.57 9.77 -22.60
N CYS B 89 -20.74 8.73 -22.70
CA CYS B 89 -19.80 8.36 -21.65
C CYS B 89 -18.53 9.17 -21.73
N GLU B 90 -17.68 8.95 -20.73
CA GLU B 90 -16.31 9.45 -20.68
C GLU B 90 -15.58 8.64 -19.63
N THR B 91 -14.41 8.12 -19.99
CA THR B 91 -13.55 7.44 -19.05
C THR B 91 -12.12 7.58 -19.53
N TRP B 92 -11.19 7.05 -18.75
CA TRP B 92 -9.78 7.05 -19.11
C TRP B 92 -9.40 5.67 -19.63
N ASP B 93 -8.74 5.64 -20.78
CA ASP B 93 -8.24 4.40 -21.36
C ASP B 93 -6.76 4.30 -20.99
N SER B 94 -6.42 3.34 -20.13
CA SER B 94 -5.03 3.17 -19.74
C SER B 94 -4.21 2.50 -20.82
N SER B 95 -4.85 1.88 -21.82
CA SER B 95 -4.12 1.29 -22.92
C SER B 95 -3.68 2.33 -23.93
N LEU B 96 -4.59 3.23 -24.31
CA LEU B 96 -4.28 4.26 -25.28
C LEU B 96 -3.68 5.52 -24.65
N SER B 97 -3.73 5.61 -23.32
CA SER B 97 -3.34 6.81 -22.54
C SER B 97 -4.08 8.05 -23.05
N ALA B 98 -5.41 7.96 -23.06
CA ALA B 98 -6.24 9.02 -23.61
C ALA B 98 -7.61 9.00 -22.97
N VAL B 99 -8.33 10.10 -23.11
CA VAL B 99 -9.72 10.20 -22.69
C VAL B 99 -10.59 9.75 -23.85
N VAL B 100 -11.40 8.73 -23.63
CA VAL B 100 -12.26 8.17 -24.66
C VAL B 100 -13.72 8.51 -24.32
N PHE B 101 -14.49 8.84 -25.34
CA PHE B 101 -15.90 9.16 -25.21
C PHE B 101 -16.75 8.07 -25.84
N GLY B 102 -18.06 8.18 -25.61
CA GLY B 102 -19.00 7.25 -26.20
C GLY B 102 -19.35 7.63 -27.62
N GLY B 103 -20.63 7.63 -27.94
CA GLY B 103 -21.05 8.04 -29.26
C GLY B 103 -22.25 8.96 -29.20
N GLY B 104 -22.80 9.14 -28.01
CA GLY B 104 -24.02 9.90 -27.86
C GLY B 104 -25.25 9.06 -28.13
N THR B 105 -26.30 9.26 -27.36
CA THR B 105 -27.53 8.50 -27.49
C THR B 105 -28.71 9.45 -27.61
N LYS B 106 -29.42 9.39 -28.73
CA LYS B 106 -30.64 10.15 -28.89
C LYS B 106 -31.72 9.60 -27.97
N VAL B 107 -32.49 10.49 -27.36
CA VAL B 107 -33.64 10.11 -26.57
C VAL B 107 -34.86 10.76 -27.19
N THR B 108 -35.78 9.93 -27.68
CA THR B 108 -36.98 10.41 -28.35
C THR B 108 -38.18 10.13 -27.44
N VAL B 109 -38.88 11.18 -27.05
CA VAL B 109 -40.06 11.08 -26.20
C VAL B 109 -41.26 10.72 -27.06
N LEU B 110 -41.96 9.67 -26.68
CA LEU B 110 -43.13 9.21 -27.44
C LEU B 110 -44.40 9.95 -27.01
N GLN C 1 -20.57 32.05 -9.61
CA GLN C 1 -20.77 30.92 -10.50
C GLN C 1 -19.55 30.71 -11.38
N VAL C 2 -19.29 29.46 -11.76
CA VAL C 2 -18.17 29.12 -12.61
C VAL C 2 -18.63 29.13 -14.07
N GLN C 3 -17.98 29.93 -14.90
CA GLN C 3 -18.35 30.04 -16.30
C GLN C 3 -17.11 29.98 -17.18
N LEU C 4 -17.26 29.35 -18.34
CA LEU C 4 -16.24 29.37 -19.39
C LEU C 4 -16.86 29.96 -20.65
N VAL C 5 -16.29 31.07 -21.11
CA VAL C 5 -16.75 31.76 -22.31
C VAL C 5 -15.65 31.67 -23.34
N GLN C 6 -15.99 31.15 -24.52
CA GLN C 6 -15.02 30.91 -25.57
C GLN C 6 -15.02 32.08 -26.56
N SER C 7 -14.31 31.91 -27.66
CA SER C 7 -14.26 32.92 -28.70
C SER C 7 -15.35 32.64 -29.74
N GLY C 8 -15.46 33.53 -30.71
CA GLY C 8 -16.48 33.40 -31.73
C GLY C 8 -16.08 32.44 -32.84
N THR C 9 -17.02 32.20 -33.74
CA THR C 9 -16.78 31.26 -34.84
C THR C 9 -15.79 31.82 -35.84
N GLU C 10 -15.01 30.93 -36.43
CA GLU C 10 -13.95 31.30 -37.35
C GLU C 10 -14.02 30.41 -38.58
N LEU C 11 -13.57 30.96 -39.71
CA LEU C 11 -13.58 30.25 -40.99
C LEU C 11 -12.17 30.33 -41.57
N LYS C 12 -11.56 29.17 -41.76
CA LYS C 12 -10.17 29.09 -42.20
C LYS C 12 -10.09 28.37 -43.53
N LYS C 13 -8.88 28.34 -44.09
CA LYS C 13 -8.52 27.69 -45.32
C LYS C 13 -7.83 26.36 -45.03
N PRO C 14 -7.76 25.43 -46.00
CA PRO C 14 -6.99 24.21 -45.78
C PRO C 14 -5.50 24.45 -45.70
N GLY C 15 -4.95 24.35 -44.49
CA GLY C 15 -3.55 24.63 -44.26
C GLY C 15 -3.29 25.78 -43.31
N ALA C 16 -4.31 26.45 -42.79
CA ALA C 16 -4.13 27.60 -41.92
C ALA C 16 -3.94 27.14 -40.48
N SER C 17 -4.01 28.08 -39.55
CA SER C 17 -3.87 27.81 -38.13
C SER C 17 -4.96 28.55 -37.36
N VAL C 18 -5.70 27.83 -36.55
CA VAL C 18 -6.86 28.36 -35.84
C VAL C 18 -6.53 28.39 -34.35
N THR C 19 -6.82 29.52 -33.71
CA THR C 19 -6.57 29.71 -32.28
C THR C 19 -7.90 29.98 -31.60
N VAL C 20 -8.25 29.14 -30.63
CA VAL C 20 -9.52 29.23 -29.93
C VAL C 20 -9.24 29.55 -28.46
N SER C 21 -9.86 30.61 -27.96
CA SER C 21 -9.66 31.05 -26.60
C SER C 21 -10.73 30.47 -25.69
N CYS C 22 -10.51 30.58 -24.38
CA CYS C 22 -11.47 30.10 -23.39
C CYS C 22 -11.28 30.92 -22.12
N GLN C 23 -12.12 31.95 -21.94
CA GLN C 23 -12.05 32.78 -20.75
C GLN C 23 -12.64 32.03 -19.57
N ALA C 24 -12.02 32.20 -18.40
CA ALA C 24 -12.47 31.53 -17.19
C ALA C 24 -12.83 32.57 -16.12
N SER C 25 -13.76 32.19 -15.25
CA SER C 25 -14.18 33.04 -14.16
C SER C 25 -14.83 32.17 -13.08
N GLY C 26 -14.95 32.75 -11.89
CA GLY C 26 -15.66 32.10 -10.81
C GLY C 26 -14.86 31.11 -9.99
N TYR C 27 -13.60 30.88 -10.32
CA TYR C 27 -12.79 29.92 -9.58
C TYR C 27 -11.34 30.32 -9.72
N THR C 28 -10.50 29.75 -8.85
CA THR C 28 -9.07 29.96 -8.92
C THR C 28 -8.52 29.22 -10.14
N PHE C 29 -8.09 29.97 -11.15
CA PHE C 29 -7.74 29.40 -12.44
C PHE C 29 -6.49 28.51 -12.38
N THR C 30 -5.61 28.74 -11.44
CA THR C 30 -4.41 27.94 -11.30
C THR C 30 -4.64 26.67 -10.50
N ARG C 31 -5.86 26.43 -10.03
CA ARG C 31 -6.14 25.25 -9.23
C ARG C 31 -6.46 24.03 -10.08
N TYR C 32 -7.13 24.22 -11.20
CA TYR C 32 -7.63 23.13 -12.01
C TYR C 32 -7.01 23.19 -13.40
N GLY C 33 -7.37 22.23 -14.25
CA GLY C 33 -6.89 22.17 -15.61
C GLY C 33 -7.98 22.49 -16.62
N VAL C 34 -7.56 22.66 -17.86
CA VAL C 34 -8.45 23.00 -18.96
C VAL C 34 -8.17 22.06 -20.11
N SER C 35 -9.19 21.34 -20.57
CA SER C 35 -9.05 20.43 -21.69
C SER C 35 -9.66 21.02 -22.96
N TRP C 36 -9.54 20.29 -24.06
CA TRP C 36 -10.06 20.73 -25.35
C TRP C 36 -10.54 19.51 -26.11
N MET C 37 -11.81 19.54 -26.52
CA MET C 37 -12.43 18.47 -27.29
C MET C 37 -13.05 19.07 -28.53
N ARG C 38 -13.34 18.21 -29.51
CA ARG C 38 -13.99 18.62 -30.75
C ARG C 38 -15.18 17.70 -31.00
N GLN C 39 -16.00 18.08 -31.97
CA GLN C 39 -17.14 17.26 -32.37
C GLN C 39 -17.34 17.42 -33.87
N ALA C 40 -16.94 16.41 -34.63
CA ALA C 40 -17.19 16.38 -36.06
C ALA C 40 -18.69 16.28 -36.32
N PRO C 41 -19.16 16.77 -37.48
CA PRO C 41 -20.60 16.64 -37.79
C PRO C 41 -21.01 15.20 -38.05
N GLY C 42 -21.76 14.63 -37.12
CA GLY C 42 -22.22 13.26 -37.23
C GLY C 42 -21.55 12.29 -36.29
N GLN C 43 -20.65 12.74 -35.43
CA GLN C 43 -19.90 11.86 -34.55
C GLN C 43 -19.98 12.36 -33.12
N GLY C 44 -19.45 11.56 -32.20
CA GLY C 44 -19.32 11.94 -30.82
C GLY C 44 -18.10 12.81 -30.61
N LEU C 45 -17.83 13.12 -29.35
CA LEU C 45 -16.69 13.97 -29.04
C LEU C 45 -15.39 13.20 -29.19
N GLU C 46 -14.34 13.93 -29.56
CA GLU C 46 -13.00 13.39 -29.66
C GLU C 46 -12.07 14.26 -28.83
N TRP C 47 -11.38 13.65 -27.89
CA TRP C 47 -10.46 14.37 -27.03
C TRP C 47 -9.22 14.78 -27.81
N MET C 48 -8.70 15.97 -27.50
CA MET C 48 -7.51 16.48 -28.18
C MET C 48 -6.34 16.68 -27.23
N GLY C 49 -6.58 17.26 -26.05
CA GLY C 49 -5.48 17.45 -25.12
C GLY C 49 -5.79 18.46 -24.03
N TRP C 50 -5.04 18.43 -22.94
CA TRP C 50 -5.27 19.40 -21.88
C TRP C 50 -4.03 20.21 -21.52
N ILE C 51 -4.15 20.92 -20.40
CA ILE C 51 -3.03 21.58 -19.74
C ILE C 51 -3.36 21.61 -18.25
N SER C 52 -2.34 21.63 -17.42
CA SER C 52 -2.49 21.87 -15.99
C SER C 52 -1.91 23.24 -15.67
N VAL C 53 -2.71 24.09 -15.03
CA VAL C 53 -2.33 25.49 -14.85
C VAL C 53 -1.44 25.68 -13.62
N HIS C 54 -1.28 24.62 -12.79
CA HIS C 54 -0.37 24.68 -11.64
C HIS C 54 1.06 24.95 -12.08
N ASN C 55 1.53 24.22 -13.08
CA ASN C 55 2.91 24.33 -13.53
C ASN C 55 3.05 24.46 -15.04
N GLY C 56 2.10 23.96 -15.80
CA GLY C 56 2.23 23.92 -17.25
C GLY C 56 2.67 22.53 -17.64
N HIS C 57 1.72 21.69 -18.05
CA HIS C 57 2.03 20.30 -18.37
C HIS C 57 0.94 19.81 -19.31
N THR C 58 1.24 19.77 -20.60
CA THR C 58 0.27 19.42 -21.62
C THR C 58 0.36 17.95 -21.96
N THR C 59 -0.77 17.36 -22.32
CA THR C 59 -0.83 15.94 -22.67
C THR C 59 -1.85 15.80 -23.79
N TYR C 60 -1.39 15.55 -25.00
CA TYR C 60 -2.26 15.56 -26.17
C TYR C 60 -2.57 14.13 -26.60
N SER C 61 -3.55 14.01 -27.49
CA SER C 61 -3.90 12.70 -28.01
C SER C 61 -2.97 12.32 -29.15
N GLN C 62 -3.19 11.12 -29.68
CA GLN C 62 -2.37 10.58 -30.76
C GLN C 62 -3.01 10.79 -32.13
N SER C 63 -4.34 10.92 -32.19
CA SER C 63 -5.02 11.04 -33.48
C SER C 63 -4.71 12.37 -34.15
N VAL C 64 -4.39 13.40 -33.38
CA VAL C 64 -3.82 14.61 -33.94
C VAL C 64 -2.30 14.42 -33.97
N GLN C 65 -1.67 14.81 -35.08
CA GLN C 65 -0.29 14.44 -35.35
C GLN C 65 0.66 15.54 -34.88
N GLY C 66 0.56 15.85 -33.60
CA GLY C 66 1.38 16.90 -33.01
C GLY C 66 1.05 18.28 -33.52
N ARG C 67 -0.20 18.51 -33.92
CA ARG C 67 -0.60 19.79 -34.50
C ARG C 67 -1.23 20.74 -33.49
N VAL C 68 -1.63 20.24 -32.33
CA VAL C 68 -2.27 21.05 -31.30
C VAL C 68 -1.22 21.59 -30.36
N THR C 69 -1.53 22.73 -29.74
CA THR C 69 -0.67 23.34 -28.74
C THR C 69 -1.55 24.17 -27.82
N VAL C 70 -1.52 23.84 -26.53
CA VAL C 70 -2.40 24.45 -25.55
C VAL C 70 -1.54 25.27 -24.59
N THR C 71 -1.82 26.57 -24.52
CA THR C 71 -1.14 27.48 -23.59
C THR C 71 -2.18 28.21 -22.76
N THR C 72 -1.73 28.84 -21.69
CA THR C 72 -2.60 29.60 -20.80
C THR C 72 -2.02 30.98 -20.54
N ASP C 73 -2.91 31.95 -20.35
CA ASP C 73 -2.56 33.25 -19.78
C ASP C 73 -3.04 33.27 -18.33
N THR C 74 -2.09 33.37 -17.40
CA THR C 74 -2.45 33.35 -15.99
C THR C 74 -3.08 34.67 -15.56
N SER C 75 -2.66 35.77 -16.18
CA SER C 75 -3.13 37.09 -15.76
C SER C 75 -4.59 37.32 -16.11
N THR C 76 -4.99 36.97 -17.33
CA THR C 76 -6.36 37.18 -17.78
C THR C 76 -7.26 35.97 -17.53
N ASN C 77 -6.72 34.89 -16.96
CA ASN C 77 -7.42 33.63 -16.68
C ASN C 77 -8.03 33.04 -17.95
N THR C 78 -7.21 32.87 -18.97
CA THR C 78 -7.70 32.44 -20.27
C THR C 78 -6.75 31.39 -20.85
N ALA C 79 -7.32 30.30 -21.35
CA ALA C 79 -6.54 29.21 -21.93
C ALA C 79 -6.79 29.16 -23.44
N TYR C 80 -5.74 28.82 -24.18
CA TYR C 80 -5.74 28.89 -25.63
C TYR C 80 -5.58 27.51 -26.23
N MET C 81 -5.79 27.42 -27.54
CA MET C 81 -5.64 26.15 -28.27
C MET C 81 -5.38 26.48 -29.73
N THR C 82 -4.16 26.18 -30.20
CA THR C 82 -3.77 26.48 -31.57
C THR C 82 -3.63 25.17 -32.35
N LEU C 83 -4.44 25.03 -33.40
CA LEU C 83 -4.40 23.86 -34.26
C LEU C 83 -3.88 24.27 -35.63
N ARG C 84 -2.71 23.75 -35.99
CA ARG C 84 -2.09 24.04 -37.27
C ARG C 84 -2.33 22.90 -38.24
N GLY C 85 -2.08 23.18 -39.52
CA GLY C 85 -2.19 22.18 -40.57
C GLY C 85 -3.60 21.69 -40.78
N LEU C 86 -4.51 22.62 -41.05
CA LEU C 86 -5.94 22.32 -41.04
C LEU C 86 -6.32 21.51 -42.27
N ARG C 87 -6.65 20.24 -42.07
CA ARG C 87 -7.20 19.41 -43.12
C ARG C 87 -8.68 19.73 -43.26
N THR C 88 -9.31 19.23 -44.33
CA THR C 88 -10.72 19.50 -44.60
C THR C 88 -11.62 18.88 -43.53
N ASP C 89 -11.24 17.74 -42.98
CA ASP C 89 -12.05 17.07 -41.97
C ASP C 89 -11.81 17.57 -40.55
N ASP C 90 -11.23 18.76 -40.40
CA ASP C 90 -11.08 19.39 -39.09
C ASP C 90 -12.22 20.36 -38.79
N THR C 91 -13.28 20.35 -39.58
CA THR C 91 -14.45 21.18 -39.31
C THR C 91 -15.21 20.58 -38.14
N ALA C 92 -15.24 21.28 -37.02
CA ALA C 92 -15.84 20.73 -35.81
C ALA C 92 -16.24 21.87 -34.89
N VAL C 93 -16.97 21.52 -33.85
CA VAL C 93 -17.32 22.45 -32.77
C VAL C 93 -16.36 22.16 -31.62
N TYR C 94 -15.47 23.09 -31.35
CA TYR C 94 -14.37 22.88 -30.42
C TYR C 94 -14.77 23.35 -29.03
N TYR C 95 -14.79 22.43 -28.08
CA TYR C 95 -15.27 22.69 -26.75
C TYR C 95 -14.14 22.88 -25.76
N CYS C 96 -14.44 23.59 -24.68
CA CYS C 96 -13.53 23.87 -23.59
C CYS C 96 -14.15 23.37 -22.30
N ALA C 97 -13.37 22.67 -21.49
CA ALA C 97 -13.88 22.09 -20.25
C ALA C 97 -12.90 22.36 -19.13
N ARG C 98 -13.31 22.06 -17.91
CA ARG C 98 -12.45 22.21 -16.73
C ARG C 98 -12.01 20.81 -16.32
N TYR C 99 -10.78 20.46 -16.71
CA TYR C 99 -10.16 19.20 -16.36
C TYR C 99 -9.96 19.07 -14.86
N ARG C 100 -10.30 17.91 -14.30
CA ARG C 100 -10.08 17.66 -12.88
C ARG C 100 -10.05 16.16 -12.62
N GLY C 101 -8.95 15.67 -12.05
CA GLY C 101 -8.86 14.27 -11.66
C GLY C 101 -7.46 13.74 -11.86
N SER C 102 -7.37 12.40 -11.95
CA SER C 102 -6.10 11.71 -12.05
C SER C 102 -6.12 10.71 -13.20
N THR C 103 -4.93 10.36 -13.69
CA THR C 103 -4.76 9.43 -14.79
C THR C 103 -3.94 8.21 -14.41
N VAL C 104 -3.70 8.00 -13.11
CA VAL C 104 -3.01 6.83 -12.60
C VAL C 104 -4.08 5.75 -12.54
N VAL C 105 -3.70 4.48 -12.28
CA VAL C 105 -4.44 3.34 -12.83
C VAL C 105 -5.87 3.23 -12.33
N PRO C 106 -6.22 3.52 -11.06
CA PRO C 106 -7.61 3.91 -10.79
C PRO C 106 -7.84 5.37 -11.14
N ALA C 107 -8.49 5.66 -12.27
CA ALA C 107 -8.55 7.01 -12.80
C ALA C 107 -9.99 7.52 -12.80
N ALA C 108 -10.13 8.84 -12.72
CA ALA C 108 -11.43 9.48 -12.74
C ALA C 108 -11.24 10.93 -13.18
N ILE C 109 -11.72 11.26 -14.37
CA ILE C 109 -11.75 12.64 -14.87
C ILE C 109 -13.21 13.04 -14.99
N VAL C 110 -13.55 14.28 -14.68
CA VAL C 110 -14.94 14.68 -14.51
C VAL C 110 -15.42 15.62 -15.63
N PHE C 111 -14.56 16.53 -16.11
CA PHE C 111 -14.90 17.56 -17.11
C PHE C 111 -16.17 18.33 -16.76
N ASP C 112 -16.29 18.75 -15.51
CA ASP C 112 -17.41 19.60 -15.17
C ASP C 112 -17.20 21.01 -15.73
N PHE C 113 -18.32 21.75 -15.84
CA PHE C 113 -18.33 23.18 -16.15
C PHE C 113 -17.68 23.47 -17.51
N TRP C 114 -18.37 23.00 -18.54
CA TRP C 114 -17.96 23.13 -19.93
C TRP C 114 -18.11 24.56 -20.44
N GLY C 115 -17.65 24.78 -21.68
CA GLY C 115 -17.89 26.00 -22.39
C GLY C 115 -18.82 25.77 -23.58
N GLN C 116 -19.30 26.86 -24.17
CA GLN C 116 -20.42 26.79 -25.08
C GLN C 116 -20.06 26.26 -26.46
N GLY C 117 -18.80 26.12 -26.79
CA GLY C 117 -18.48 25.57 -28.08
C GLY C 117 -18.21 26.64 -29.13
N THR C 118 -17.39 26.29 -30.11
CA THR C 118 -16.96 27.22 -31.14
C THR C 118 -16.83 26.47 -32.45
N LEU C 119 -17.59 26.89 -33.46
CA LEU C 119 -17.54 26.24 -34.77
C LEU C 119 -16.39 26.79 -35.59
N VAL C 120 -15.53 25.89 -36.07
CA VAL C 120 -14.44 26.25 -36.96
C VAL C 120 -14.66 25.53 -38.27
N THR C 121 -14.72 26.28 -39.37
CA THR C 121 -14.96 25.72 -40.69
C THR C 121 -13.70 25.89 -41.52
N VAL C 122 -13.19 24.80 -42.06
CA VAL C 122 -11.99 24.79 -42.89
C VAL C 122 -12.44 24.51 -44.31
N SER C 123 -12.51 25.54 -45.14
CA SER C 123 -13.02 25.41 -46.49
C SER C 123 -12.47 26.55 -47.34
N SER C 124 -13.05 26.74 -48.52
CA SER C 124 -12.66 27.83 -49.42
C SER C 124 -13.85 28.71 -49.79
N PRO D 65 -21.09 0.18 35.17
CA PRO D 65 -21.43 1.30 34.28
C PRO D 65 -20.38 1.54 33.22
N ALA D 66 -20.00 0.47 32.51
CA ALA D 66 -19.02 0.56 31.43
C ALA D 66 -19.27 -0.57 30.46
N ARG D 67 -19.12 -0.28 29.17
CA ARG D 67 -19.21 -1.31 28.15
C ARG D 67 -18.05 -2.27 28.30
N PRO D 68 -18.28 -3.58 28.30
CA PRO D 68 -17.17 -4.53 28.46
C PRO D 68 -16.33 -4.60 27.20
N ILE D 69 -15.19 -5.29 27.32
CA ILE D 69 -14.32 -5.47 26.18
C ILE D 69 -14.91 -6.46 25.19
N THR D 70 -15.82 -7.32 25.63
CA THR D 70 -16.49 -8.27 24.74
C THR D 70 -17.80 -7.70 24.20
N ASN D 71 -17.72 -6.48 23.66
CA ASN D 71 -18.90 -5.79 23.16
C ASN D 71 -18.41 -4.71 22.21
N TRP D 72 -18.68 -4.86 20.92
CA TRP D 72 -18.14 -3.97 19.90
C TRP D 72 -19.26 -3.40 19.04
N ARG D 73 -19.22 -2.09 18.83
CA ARG D 73 -20.10 -1.40 17.90
C ARG D 73 -19.34 -1.15 16.61
N SER D 74 -20.08 -1.05 15.50
CA SER D 74 -19.46 -0.70 14.24
C SER D 74 -19.08 0.77 14.23
N GLY D 75 -17.84 1.08 14.57
CA GLY D 75 -17.42 2.46 14.65
C GLY D 75 -16.49 2.71 15.82
N ASP D 76 -16.22 1.67 16.60
CA ASP D 76 -15.27 1.76 17.68
C ASP D 76 -13.85 1.80 17.11
N VAL D 77 -12.90 2.16 17.97
CA VAL D 77 -11.49 2.20 17.58
C VAL D 77 -10.76 1.14 18.38
N VAL D 78 -10.08 0.22 17.69
CA VAL D 78 -9.33 -0.87 18.31
C VAL D 78 -7.84 -0.52 18.25
N TRP D 79 -7.15 -0.77 19.36
CA TRP D 79 -5.73 -0.45 19.53
C TRP D 79 -5.07 -1.71 20.02
N VAL D 80 -4.59 -2.54 19.12
CA VAL D 80 -3.94 -3.79 19.48
C VAL D 80 -2.43 -3.55 19.56
N THR D 81 -1.82 -4.07 20.61
CA THR D 81 -0.37 -4.12 20.70
C THR D 81 0.06 -5.57 20.73
N LEU D 82 1.21 -5.84 20.12
CA LEU D 82 1.70 -7.20 19.93
C LEU D 82 3.09 -7.27 20.53
N PRO D 83 3.21 -7.69 21.78
CA PRO D 83 4.53 -8.05 22.32
C PRO D 83 5.10 -9.19 21.51
N SER D 84 6.43 -9.25 21.49
CA SER D 84 7.28 -9.56 20.35
C SER D 84 6.71 -10.61 19.42
N ALA D 85 6.49 -10.21 18.17
CA ALA D 85 5.59 -10.90 17.26
C ALA D 85 6.36 -11.50 16.09
N GLU D 86 5.99 -12.72 15.72
CA GLU D 86 6.67 -13.44 14.66
C GLU D 86 5.90 -13.35 13.35
N TYR D 87 6.63 -13.52 12.26
CA TYR D 87 6.09 -13.46 10.91
C TYR D 87 5.57 -14.83 10.48
N ALA D 88 4.35 -14.87 10.01
CA ALA D 88 3.78 -16.03 9.36
C ALA D 88 3.75 -15.80 7.86
N GLN D 89 3.75 -16.88 7.10
CA GLN D 89 3.86 -16.82 5.65
C GLN D 89 2.58 -17.22 4.92
N SER D 90 1.86 -18.22 5.41
CA SER D 90 0.76 -18.84 4.70
C SER D 90 -0.46 -18.96 5.59
N GLN D 91 -0.85 -17.85 6.22
CA GLN D 91 -1.93 -17.87 7.20
C GLN D 91 -3.27 -18.12 6.51
N SER D 92 -4.05 -19.05 7.07
N SER D 92 -4.05 -19.05 7.07
CA SER D 92 -5.20 -19.61 6.38
CA SER D 92 -5.20 -19.61 6.38
C SER D 92 -6.51 -18.91 6.69
C SER D 92 -6.51 -18.91 6.69
N ALA D 93 -6.59 -18.17 7.79
CA ALA D 93 -7.81 -17.41 8.07
C ALA D 93 -7.93 -16.24 7.10
N MET D 94 -6.82 -15.62 6.77
CA MET D 94 -6.73 -14.58 5.75
C MET D 94 -6.29 -15.12 4.40
N GLY D 95 -6.94 -16.18 3.92
CA GLY D 95 -6.58 -16.74 2.63
C GLY D 95 -5.41 -17.70 2.69
N SER D 96 -4.28 -17.29 2.10
CA SER D 96 -3.02 -18.02 2.22
C SER D 96 -1.88 -17.03 2.33
N HIS D 97 -2.15 -15.91 2.95
CA HIS D 97 -1.44 -14.65 2.89
C HIS D 97 -0.67 -14.40 4.18
N PRO D 98 0.42 -13.65 4.16
CA PRO D 98 1.29 -13.54 5.35
C PRO D 98 0.65 -12.75 6.48
N ALA D 99 1.30 -12.81 7.64
CA ALA D 99 0.83 -12.15 8.84
C ALA D 99 1.95 -12.02 9.85
N TYR D 100 1.88 -10.99 10.71
CA TYR D 100 2.57 -11.01 11.98
C TYR D 100 1.59 -11.46 13.06
N TRP D 101 2.07 -12.27 13.99
CA TRP D 101 1.22 -12.77 15.05
C TRP D 101 1.96 -12.76 16.36
N SER D 102 1.22 -12.53 17.44
CA SER D 102 1.77 -12.55 18.78
C SER D 102 1.00 -13.53 19.63
N GLU D 103 1.65 -14.00 20.70
CA GLU D 103 0.98 -14.84 21.68
C GLU D 103 0.36 -14.04 22.81
N GLU D 104 0.99 -12.94 23.20
CA GLU D 104 0.62 -12.19 24.39
C GLU D 104 0.11 -10.81 24.04
N ALA D 105 -0.72 -10.72 23.01
CA ALA D 105 -1.22 -9.44 22.54
C ALA D 105 -2.28 -8.88 23.50
N THR D 106 -2.57 -7.59 23.32
CA THR D 106 -3.51 -6.88 24.17
C THR D 106 -4.43 -6.04 23.29
N ILE D 107 -5.74 -6.25 23.44
CA ILE D 107 -6.74 -5.50 22.67
C ILE D 107 -7.31 -4.41 23.56
N ILE D 108 -7.52 -3.22 22.98
CA ILE D 108 -7.89 -2.02 23.72
C ILE D 108 -9.01 -1.32 22.95
N ASN D 109 -10.08 -0.96 23.64
CA ASN D 109 -11.10 -0.07 23.07
C ASN D 109 -10.73 1.35 23.47
N VAL D 110 -10.64 2.25 22.48
CA VAL D 110 -10.07 3.57 22.74
C VAL D 110 -11.13 4.52 23.25
N ALA D 111 -12.34 4.44 22.69
CA ALA D 111 -13.39 5.38 23.08
C ALA D 111 -13.91 5.10 24.48
N THR D 112 -13.94 3.84 24.89
CA THR D 112 -14.39 3.51 26.24
C THR D 112 -13.24 3.42 27.23
N GLY D 113 -12.08 2.96 26.80
CA GLY D 113 -10.93 2.86 27.66
C GLY D 113 -10.70 1.50 28.27
N GLN D 114 -11.38 0.47 27.79
CA GLN D 114 -11.30 -0.85 28.39
C GLN D 114 -10.16 -1.64 27.76
N ARG D 115 -9.26 -2.14 28.59
CA ARG D 115 -8.11 -2.90 28.15
C ARG D 115 -8.24 -4.33 28.64
N ALA D 116 -7.82 -5.28 27.80
CA ALA D 116 -7.84 -6.68 28.18
C ALA D 116 -6.82 -7.43 27.34
N ALA D 117 -6.22 -8.45 27.94
CA ALA D 117 -5.31 -9.31 27.21
C ALA D 117 -6.10 -10.20 26.28
N VAL D 118 -5.49 -10.55 25.13
CA VAL D 118 -6.19 -11.34 24.13
C VAL D 118 -6.39 -12.77 24.60
N SER D 119 -5.41 -13.31 25.33
CA SER D 119 -5.51 -14.68 25.79
C SER D 119 -6.44 -14.86 26.97
N SER D 120 -6.90 -13.78 27.59
CA SER D 120 -7.77 -13.87 28.75
C SER D 120 -9.22 -13.58 28.41
N ILE D 121 -9.59 -13.62 27.14
CA ILE D 121 -10.94 -13.31 26.69
C ILE D 121 -11.58 -14.57 26.13
N LYS D 122 -12.77 -14.91 26.62
CA LYS D 122 -13.59 -15.94 26.00
C LYS D 122 -14.13 -15.38 24.69
N TRP D 123 -13.54 -15.77 23.58
CA TRP D 123 -13.86 -15.13 22.30
C TRP D 123 -15.18 -15.60 21.71
N ASP D 124 -15.81 -16.62 22.27
CA ASP D 124 -17.16 -16.97 21.83
C ASP D 124 -18.22 -16.05 22.42
N GLN D 125 -17.88 -15.29 23.46
CA GLN D 125 -18.81 -14.37 24.11
C GLN D 125 -18.67 -12.96 23.60
N VAL D 126 -17.72 -12.70 22.71
CA VAL D 126 -17.55 -11.38 22.13
C VAL D 126 -18.60 -11.20 21.05
N THR D 127 -19.25 -10.05 21.03
CA THR D 127 -20.31 -9.76 20.06
C THR D 127 -20.00 -8.47 19.31
N LEU D 128 -20.39 -8.44 18.04
CA LEU D 128 -20.30 -7.24 17.21
C LEU D 128 -21.71 -6.78 16.85
N ASN D 129 -22.08 -5.60 17.35
CA ASN D 129 -23.43 -5.02 17.24
C ASN D 129 -24.48 -5.97 17.81
N GLY D 130 -24.13 -6.67 18.88
CA GLY D 130 -24.99 -7.66 19.48
C GLY D 130 -24.83 -9.06 18.92
N LYS D 131 -24.68 -9.17 17.61
CA LYS D 131 -24.57 -10.46 16.97
C LYS D 131 -23.17 -11.03 17.16
N ALA D 132 -23.08 -12.36 17.16
CA ALA D 132 -21.82 -13.04 17.44
C ALA D 132 -20.85 -12.90 16.28
N LEU D 133 -19.56 -12.92 16.59
CA LEU D 133 -18.52 -12.82 15.59
C LEU D 133 -18.50 -14.04 14.68
N HIS D 134 -18.12 -13.79 13.44
CA HIS D 134 -17.99 -14.85 12.44
C HIS D 134 -16.80 -15.73 12.78
N LYS D 135 -16.98 -17.04 12.68
CA LYS D 135 -15.94 -18.00 12.98
C LYS D 135 -15.70 -18.93 11.80
N GLU D 136 -14.44 -19.33 11.65
CA GLU D 136 -14.04 -20.28 10.62
C GLU D 136 -13.15 -21.32 11.27
N THR D 137 -13.25 -22.55 10.83
CA THR D 137 -12.33 -23.60 11.25
C THR D 137 -11.44 -23.96 10.07
N HIS D 138 -10.14 -23.92 10.28
CA HIS D 138 -9.15 -24.28 9.27
C HIS D 138 -8.14 -25.22 9.91
N SER D 139 -8.00 -26.41 9.31
CA SER D 139 -7.18 -27.51 9.83
C SER D 139 -7.54 -27.87 11.26
N GLY D 140 -8.83 -27.81 11.58
CA GLY D 140 -9.30 -28.16 12.90
C GLY D 140 -9.04 -27.13 13.97
N LEU D 141 -8.75 -25.89 13.60
CA LEU D 141 -8.55 -24.83 14.59
C LEU D 141 -9.45 -23.66 14.23
N VAL D 142 -10.09 -23.08 15.24
CA VAL D 142 -11.16 -22.10 15.05
C VAL D 142 -10.59 -20.69 15.10
N TYR D 143 -10.92 -19.88 14.11
CA TYR D 143 -10.47 -18.49 14.02
C TYR D 143 -11.68 -17.55 14.07
N TYR D 144 -11.56 -16.47 14.83
CA TYR D 144 -12.63 -15.49 15.00
C TYR D 144 -12.29 -14.22 14.22
N GLN D 145 -13.30 -13.60 13.63
CA GLN D 145 -13.12 -12.43 12.79
C GLN D 145 -13.71 -11.20 13.47
N LEU D 146 -12.87 -10.23 13.79
CA LEU D 146 -13.35 -8.90 14.14
C LEU D 146 -13.11 -8.03 12.92
N PRO D 147 -14.12 -7.78 12.08
CA PRO D 147 -13.87 -7.10 10.81
C PRO D 147 -13.63 -5.61 11.02
N LEU D 148 -12.57 -5.12 10.41
CA LEU D 148 -12.27 -3.70 10.45
C LEU D 148 -12.96 -3.01 9.28
N MET D 149 -12.69 -1.72 9.12
CA MET D 149 -13.43 -0.91 8.17
C MET D 149 -12.47 0.17 7.70
N GLY D 150 -11.83 -0.10 6.57
CA GLY D 150 -10.53 0.46 6.24
C GLY D 150 -9.44 -0.57 6.44
N LYS D 151 -8.22 -0.20 6.07
CA LYS D 151 -7.09 -1.09 6.24
C LYS D 151 -6.58 -1.04 7.68
N ILE D 152 -5.98 -2.13 8.14
CA ILE D 152 -5.36 -2.08 9.45
C ILE D 152 -4.02 -1.38 9.34
N ASN D 153 -3.73 -0.53 10.31
CA ASN D 153 -2.48 0.19 10.37
C ASN D 153 -1.64 -0.42 11.49
N PHE D 154 -0.35 -0.61 11.23
CA PHE D 154 0.54 -1.14 12.25
C PHE D 154 1.95 -0.61 12.00
N TRP D 155 2.76 -0.68 13.04
CA TRP D 155 4.09 -0.09 13.05
C TRP D 155 4.90 -0.77 14.12
N GLN D 156 6.22 -0.63 14.03
CA GLN D 156 7.08 -1.14 15.09
C GLN D 156 6.88 -0.28 16.31
N GLN D 157 6.72 -0.91 17.48
CA GLN D 157 6.32 -0.20 18.68
C GLN D 157 7.44 0.71 19.18
N GLY D 158 7.10 1.98 19.39
CA GLY D 158 8.05 2.98 19.79
C GLY D 158 8.80 3.63 18.66
N THR D 159 8.75 3.03 17.47
CA THR D 159 9.45 3.52 16.29
C THR D 159 8.41 4.07 15.32
N THR D 160 8.78 5.12 14.61
CA THR D 160 7.89 5.66 13.60
C THR D 160 7.89 4.84 12.31
N LYS D 161 8.68 3.77 12.23
CA LYS D 161 8.70 2.92 11.06
C LYS D 161 7.43 2.07 11.01
N ALA D 162 6.75 2.10 9.87
CA ALA D 162 5.44 1.51 9.74
C ALA D 162 5.49 0.25 8.90
N GLY D 163 4.36 -0.46 8.88
CA GLY D 163 4.19 -1.62 8.04
C GLY D 163 2.95 -1.44 7.17
N TYR D 164 2.79 -2.34 6.21
CA TYR D 164 1.68 -2.26 5.28
C TYR D 164 1.12 -3.65 5.02
N THR D 165 -0.14 -3.70 4.60
CA THR D 165 -0.92 -4.92 4.57
C THR D 165 -0.67 -5.68 3.27
N TYR D 166 -1.39 -6.79 3.10
CA TYR D 166 -1.21 -7.60 1.90
C TYR D 166 -1.85 -6.94 0.69
N ASN D 167 -3.10 -6.50 0.83
CA ASN D 167 -3.77 -5.76 -0.23
C ASN D 167 -3.50 -4.27 -0.07
N TYR D 168 -2.22 -3.93 -0.16
CA TYR D 168 -1.75 -2.60 0.17
C TYR D 168 -2.09 -1.56 -0.90
N ASN D 169 -2.46 -2.00 -2.10
CA ASN D 169 -2.90 -1.13 -3.18
C ASN D 169 -4.22 -1.62 -3.74
N THR D 170 -5.15 -1.93 -2.86
CA THR D 170 -6.45 -2.47 -3.24
C THR D 170 -7.49 -1.86 -2.32
N THR D 171 -8.61 -1.43 -2.89
CA THR D 171 -9.67 -0.77 -2.12
C THR D 171 -10.51 -1.78 -1.34
N ASP D 172 -9.87 -2.42 -0.37
CA ASP D 172 -10.51 -3.39 0.51
C ASP D 172 -10.30 -3.00 1.96
N SER D 173 -11.20 -3.45 2.81
CA SER D 173 -11.04 -3.33 4.24
C SER D 173 -10.34 -4.58 4.77
N ASP D 174 -9.86 -4.49 6.00
CA ASP D 174 -9.22 -5.62 6.64
C ASP D 174 -10.12 -6.19 7.72
N SER D 175 -9.65 -7.27 8.34
CA SER D 175 -10.25 -7.82 9.53
C SER D 175 -9.17 -7.90 10.59
N LEU D 176 -9.49 -8.57 11.69
CA LEU D 176 -8.55 -8.73 12.80
C LEU D 176 -8.81 -10.13 13.35
N TRP D 177 -8.02 -11.10 12.88
CA TRP D 177 -8.30 -12.51 13.11
C TRP D 177 -7.71 -12.96 14.44
N VAL D 178 -8.50 -13.70 15.20
CA VAL D 178 -8.10 -14.19 16.52
C VAL D 178 -8.25 -15.70 16.52
N TRP D 179 -7.15 -16.41 16.69
CA TRP D 179 -7.22 -17.81 17.05
C TRP D 179 -7.51 -17.93 18.54
N TRP D 180 -8.33 -18.91 18.91
CA TRP D 180 -8.64 -19.12 20.32
C TRP D 180 -8.71 -20.61 20.60
N ASP D 181 -7.97 -21.04 21.62
CA ASP D 181 -7.84 -22.46 21.95
C ASP D 181 -9.09 -23.01 22.61
N GLY D 182 -9.74 -22.19 23.45
CA GLY D 182 -10.80 -22.63 24.32
C GLY D 182 -10.50 -22.40 25.78
N GLY D 183 -9.23 -22.36 26.14
CA GLY D 183 -8.82 -22.01 27.48
C GLY D 183 -8.13 -20.66 27.51
N SER D 184 -7.03 -20.57 28.24
CA SER D 184 -6.31 -19.30 28.36
C SER D 184 -5.13 -19.28 27.39
N LYS D 185 -5.47 -19.27 26.10
CA LYS D 185 -4.46 -19.22 25.04
C LYS D 185 -5.12 -18.69 23.78
N ALA D 186 -4.60 -17.59 23.24
CA ALA D 186 -5.18 -16.98 22.05
C ALA D 186 -4.10 -16.21 21.31
N TYR D 187 -4.23 -16.18 19.99
CA TYR D 187 -3.30 -15.49 19.11
C TYR D 187 -4.03 -14.35 18.40
N LEU D 188 -3.26 -13.44 17.82
CA LEU D 188 -3.81 -12.30 17.14
C LEU D 188 -3.04 -12.06 15.85
N TYR D 189 -3.75 -11.95 14.73
CA TYR D 189 -3.13 -11.91 13.42
C TYR D 189 -3.38 -10.55 12.76
N ILE D 190 -2.36 -10.04 12.09
CA ILE D 190 -2.45 -8.81 11.29
C ILE D 190 -1.99 -9.13 9.89
N SER D 191 -2.84 -8.87 8.89
CA SER D 191 -2.50 -9.18 7.51
C SER D 191 -1.38 -8.29 7.01
N THR D 192 -0.29 -8.89 6.58
CA THR D 192 0.88 -8.19 6.08
C THR D 192 1.21 -8.66 4.68
N TYR D 193 2.19 -8.00 4.07
CA TYR D 193 2.67 -8.36 2.75
C TYR D 193 3.98 -9.13 2.81
N THR D 194 4.95 -8.65 3.57
CA THR D 194 6.26 -9.29 3.66
C THR D 194 6.86 -8.92 5.02
N THR D 195 8.14 -9.19 5.16
CA THR D 195 8.89 -8.78 6.36
C THR D 195 9.45 -7.38 6.14
N MET D 196 8.55 -6.41 6.13
CA MET D 196 8.99 -5.02 6.11
C MET D 196 9.38 -4.52 7.48
N LEU D 197 9.03 -5.25 8.54
CA LEU D 197 9.40 -4.90 9.89
C LEU D 197 10.27 -5.95 10.55
N GLY D 198 10.61 -7.01 9.83
CA GLY D 198 11.48 -8.04 10.34
C GLY D 198 10.87 -9.42 10.20
N ALA D 199 11.73 -10.42 10.38
CA ALA D 199 11.26 -11.79 10.41
C ALA D 199 10.71 -12.20 11.76
N GLY D 200 10.74 -11.31 12.75
CA GLY D 200 10.27 -11.62 14.06
C GLY D 200 11.37 -12.19 14.93
N PRO D 201 11.24 -12.05 16.25
CA PRO D 201 10.18 -11.37 16.98
C PRO D 201 10.36 -9.85 17.09
N VAL D 202 9.25 -9.12 16.97
CA VAL D 202 9.26 -7.66 16.90
C VAL D 202 7.99 -7.15 17.58
N ASN D 203 8.11 -6.05 18.31
CA ASN D 203 6.96 -5.43 18.98
C ASN D 203 6.19 -4.60 17.97
N ILE D 204 4.89 -4.90 17.84
CA ILE D 204 4.00 -4.27 16.88
C ILE D 204 2.85 -3.63 17.64
N THR D 205 2.46 -2.42 17.25
CA THR D 205 1.24 -1.80 17.73
C THR D 205 0.33 -1.54 16.53
N GLY D 206 -0.91 -2.01 16.63
CA GLY D 206 -1.88 -1.87 15.56
C GLY D 206 -2.93 -0.81 15.83
N LEU D 207 -3.76 -0.57 14.82
CA LEU D 207 -4.80 0.45 14.89
C LEU D 207 -5.84 0.17 13.82
N GLY D 208 -7.10 0.14 14.21
CA GLY D 208 -8.17 -0.11 13.27
C GLY D 208 -9.48 0.49 13.72
N ALA D 209 -10.40 0.61 12.78
CA ALA D 209 -11.76 1.08 13.05
C ALA D 209 -12.72 -0.08 12.85
N VAL D 210 -13.55 -0.32 13.86
CA VAL D 210 -14.37 -1.54 13.91
C VAL D 210 -15.51 -1.42 12.91
N GLY D 211 -15.76 -2.49 12.17
CA GLY D 211 -16.61 -2.42 11.01
C GLY D 211 -17.95 -3.12 11.10
N PRO D 212 -18.63 -3.24 9.96
CA PRO D 212 -19.97 -3.83 9.93
C PRO D 212 -19.93 -5.33 10.16
N ASN D 213 -21.10 -5.88 10.42
CA ASN D 213 -21.24 -7.32 10.56
C ASN D 213 -21.03 -7.99 9.20
N PRO D 214 -20.29 -9.08 9.14
CA PRO D 214 -20.08 -9.77 7.86
C PRO D 214 -21.36 -10.47 7.40
N VAL D 215 -21.81 -10.12 6.20
CA VAL D 215 -23.03 -10.68 5.65
C VAL D 215 -22.79 -12.11 5.16
N VAL E 3 27.28 -11.97 -3.23
CA VAL E 3 28.62 -12.16 -2.69
C VAL E 3 28.91 -11.13 -1.61
N LEU E 4 29.15 -11.60 -0.39
CA LEU E 4 29.39 -10.76 0.77
C LEU E 4 30.85 -10.87 1.16
N THR E 5 31.50 -9.72 1.36
CA THR E 5 32.94 -9.67 1.59
C THR E 5 33.22 -9.20 3.02
N GLN E 6 34.13 -9.88 3.68
CA GLN E 6 34.50 -9.63 5.07
C GLN E 6 36.01 -9.55 5.19
N PRO E 7 36.52 -8.89 6.22
CA PRO E 7 37.92 -9.05 6.57
C PRO E 7 38.18 -10.45 7.08
N PRO E 8 39.31 -11.06 6.71
CA PRO E 8 39.57 -12.43 7.16
C PRO E 8 39.88 -12.54 8.64
N SER E 9 40.38 -11.48 9.26
CA SER E 9 40.76 -11.54 10.65
C SER E 9 40.67 -10.15 11.28
N VAL E 10 40.08 -10.10 12.47
CA VAL E 10 40.06 -8.89 13.28
C VAL E 10 40.61 -9.28 14.65
N SER E 11 41.28 -8.33 15.30
CA SER E 11 42.03 -8.62 16.51
C SER E 11 41.93 -7.45 17.47
N ALA E 12 41.89 -7.75 18.76
CA ALA E 12 41.91 -6.72 19.79
C ALA E 12 42.40 -7.31 21.10
N ALA E 13 42.78 -6.41 22.00
CA ALA E 13 43.15 -6.76 23.36
C ALA E 13 41.92 -7.21 24.15
N PRO E 14 42.10 -8.00 25.21
CA PRO E 14 40.95 -8.35 26.07
C PRO E 14 40.41 -7.12 26.77
N GLY E 15 39.15 -6.80 26.50
CA GLY E 15 38.50 -5.64 27.07
C GLY E 15 38.16 -4.56 26.06
N GLN E 16 38.74 -4.60 24.86
CA GLN E 16 38.44 -3.62 23.84
C GLN E 16 37.25 -4.09 23.02
N ARG E 17 36.98 -3.40 21.92
CA ARG E 17 35.88 -3.77 21.04
C ARG E 17 36.40 -4.04 19.63
N VAL E 18 35.67 -4.88 18.91
CA VAL E 18 35.95 -5.15 17.51
C VAL E 18 34.73 -4.76 16.69
N THR E 19 34.97 -4.49 15.41
CA THR E 19 33.92 -4.21 14.45
C THR E 19 34.11 -5.14 13.26
N ILE E 20 33.22 -6.11 13.12
CA ILE E 20 33.23 -7.06 12.02
C ILE E 20 32.20 -6.58 11.02
N SER E 21 32.62 -6.33 9.78
CA SER E 21 31.77 -5.64 8.81
C SER E 21 31.69 -6.43 7.51
N CYS E 22 30.47 -6.57 7.00
CA CYS E 22 30.25 -7.09 5.66
C CYS E 22 30.12 -5.96 4.65
N SER E 23 30.07 -6.34 3.37
CA SER E 23 29.92 -5.37 2.30
C SER E 23 29.26 -6.07 1.13
N GLY E 24 27.98 -5.82 0.92
CA GLY E 24 27.27 -6.42 -0.18
C GLY E 24 26.98 -5.45 -1.30
N SER E 25 25.72 -5.40 -1.72
CA SER E 25 25.31 -4.48 -2.76
C SER E 25 23.88 -4.06 -2.47
N ASN E 26 23.23 -3.45 -3.45
CA ASN E 26 21.87 -2.97 -3.24
C ASN E 26 20.86 -4.10 -3.28
N SER E 27 21.23 -5.25 -3.82
CA SER E 27 20.36 -6.40 -3.82
C SER E 27 20.64 -7.36 -2.68
N ASN E 28 21.75 -7.18 -1.96
CA ASN E 28 22.08 -8.02 -0.82
C ASN E 28 21.57 -7.41 0.49
N ILE E 29 22.07 -6.23 0.82
CA ILE E 29 21.93 -5.67 2.16
C ILE E 29 21.11 -4.39 2.16
N GLY E 30 21.13 -3.61 1.08
CA GLY E 30 20.45 -2.33 1.04
C GLY E 30 18.94 -2.43 1.09
N HIS E 31 18.38 -3.57 0.71
CA HIS E 31 16.94 -3.74 0.72
C HIS E 31 16.49 -4.93 1.58
N ASN E 32 17.39 -5.58 2.29
CA ASN E 32 17.06 -6.77 3.06
C ASN E 32 17.65 -6.65 4.45
N TYR E 33 17.27 -7.57 5.32
CA TYR E 33 17.76 -7.59 6.70
C TYR E 33 18.84 -8.64 6.84
N VAL E 34 19.98 -8.25 7.41
CA VAL E 34 21.14 -9.11 7.51
C VAL E 34 21.11 -9.79 8.87
N CYS E 35 21.79 -10.94 8.96
CA CYS E 35 21.91 -11.67 10.21
C CYS E 35 23.36 -12.06 10.45
N TRP E 36 23.73 -12.13 11.73
CA TRP E 36 25.08 -12.44 12.17
C TRP E 36 25.08 -13.71 12.99
N TYR E 37 26.05 -14.58 12.71
CA TYR E 37 26.11 -15.91 13.31
C TYR E 37 27.47 -16.12 13.97
N HIS E 38 27.49 -16.97 14.98
CA HIS E 38 28.69 -17.32 15.73
C HIS E 38 28.97 -18.80 15.55
N HIS E 39 30.20 -19.14 15.18
CA HIS E 39 30.49 -20.52 14.79
C HIS E 39 31.90 -20.92 15.18
N LEU E 40 32.01 -21.70 16.25
CA LEU E 40 33.24 -22.45 16.50
C LEU E 40 33.43 -23.52 15.42
N PRO E 41 34.67 -23.84 15.08
CA PRO E 41 34.90 -24.93 14.11
C PRO E 41 34.58 -26.29 14.73
N GLY E 42 33.79 -27.08 14.00
CA GLY E 42 33.39 -28.38 14.48
C GLY E 42 32.20 -28.38 15.41
N THR E 43 31.41 -27.30 15.41
CA THR E 43 30.25 -27.18 16.29
C THR E 43 29.11 -26.70 15.41
N ALA E 44 27.97 -26.36 15.97
CA ALA E 44 26.88 -25.76 15.23
C ALA E 44 26.97 -24.25 15.25
N PRO E 45 26.57 -23.57 14.18
CA PRO E 45 26.51 -22.10 14.23
C PRO E 45 25.40 -21.63 15.13
N LYS E 46 25.57 -20.43 15.68
CA LYS E 46 24.65 -19.89 16.66
C LYS E 46 24.27 -18.47 16.28
N LEU E 47 22.98 -18.19 16.28
CA LEU E 47 22.48 -16.86 15.93
C LEU E 47 22.88 -15.83 16.97
N LEU E 48 23.35 -14.68 16.49
CA LEU E 48 23.68 -13.55 17.35
C LEU E 48 22.79 -12.35 17.10
N ILE E 49 22.68 -11.92 15.84
CA ILE E 49 21.95 -10.72 15.47
C ILE E 49 20.97 -11.10 14.37
N TYR E 50 19.72 -10.69 14.52
CA TYR E 50 18.74 -10.78 13.46
C TYR E 50 18.09 -9.43 13.29
N ASP E 51 17.54 -9.19 12.10
CA ASP E 51 16.84 -7.94 11.73
C ASP E 51 17.75 -6.72 11.90
N ASN E 52 19.05 -6.94 11.70
CA ASN E 52 20.20 -6.04 11.68
C ASN E 52 20.61 -5.51 13.04
N ASN E 53 19.75 -5.60 14.06
CA ASN E 53 20.14 -4.99 15.31
C ASN E 53 19.55 -5.69 16.54
N LYS E 54 19.13 -6.93 16.40
CA LYS E 54 18.34 -7.51 17.49
C LYS E 54 18.92 -8.85 17.92
N ARG E 55 19.01 -9.03 19.21
CA ARG E 55 19.54 -10.21 19.89
C ARG E 55 18.42 -11.17 20.20
N PRO E 56 18.65 -12.48 20.12
CA PRO E 56 17.71 -13.42 20.73
C PRO E 56 17.88 -13.45 22.24
N SER E 57 17.11 -14.32 22.88
CA SER E 57 17.30 -14.55 24.30
C SER E 57 18.59 -15.34 24.53
N GLY E 58 19.29 -14.99 25.60
CA GLY E 58 20.51 -15.69 25.92
C GLY E 58 21.73 -15.22 25.15
N ILE E 59 21.63 -14.08 24.48
CA ILE E 59 22.78 -13.44 23.84
C ILE E 59 23.11 -12.20 24.65
N PRO E 60 24.37 -11.99 25.04
CA PRO E 60 24.71 -10.88 25.93
C PRO E 60 24.63 -9.54 25.23
N ASP E 61 24.69 -8.49 26.05
CA ASP E 61 24.66 -7.11 25.57
C ASP E 61 25.96 -6.70 24.91
N ARG E 62 27.02 -7.50 25.07
CA ARG E 62 28.28 -7.27 24.39
C ARG E 62 28.12 -7.28 22.88
N PHE E 63 27.24 -8.13 22.37
CA PHE E 63 27.04 -8.25 20.93
C PHE E 63 25.97 -7.29 20.45
N SER E 64 26.31 -6.43 19.51
CA SER E 64 25.35 -5.51 18.91
C SER E 64 25.69 -5.33 17.44
N GLY E 65 24.65 -5.15 16.63
CA GLY E 65 24.81 -5.01 15.20
C GLY E 65 24.15 -3.74 14.70
N SER E 66 24.37 -3.46 13.42
CA SER E 66 23.83 -2.26 12.78
C SER E 66 23.83 -2.49 11.29
N LYS E 67 23.29 -1.50 10.57
CA LYS E 67 23.27 -1.54 9.11
C LYS E 67 23.23 -0.10 8.61
N SER E 68 24.05 0.20 7.61
CA SER E 68 24.10 1.56 7.04
C SER E 68 24.27 1.41 5.54
N GLY E 69 23.17 1.48 4.80
CA GLY E 69 23.22 1.33 3.36
C GLY E 69 23.43 -0.11 2.94
N THR E 70 24.51 -0.36 2.20
CA THR E 70 24.85 -1.69 1.75
C THR E 70 25.89 -2.35 2.65
N SER E 71 26.17 -1.76 3.81
CA SER E 71 27.13 -2.30 4.75
C SER E 71 26.42 -2.65 6.06
N ALA E 72 27.06 -3.51 6.84
CA ALA E 72 26.47 -4.00 8.08
C ALA E 72 27.60 -4.42 9.00
N THR E 73 27.58 -3.96 10.24
CA THR E 73 28.72 -4.11 11.12
C THR E 73 28.30 -4.76 12.43
N LEU E 74 29.00 -5.83 12.80
CA LEU E 74 28.83 -6.46 14.10
C LEU E 74 29.85 -5.88 15.08
N ALA E 75 29.36 -5.36 16.19
CA ALA E 75 30.20 -4.78 17.23
C ALA E 75 30.18 -5.68 18.46
N ILE E 76 31.36 -5.98 18.98
CA ILE E 76 31.50 -6.84 20.15
C ILE E 76 32.24 -6.00 21.18
N THR E 77 31.49 -5.31 22.04
CA THR E 77 32.06 -4.29 22.91
C THR E 77 32.45 -4.90 24.24
N GLY E 78 33.76 -4.92 24.52
CA GLY E 78 34.25 -5.55 25.74
C GLY E 78 34.67 -6.98 25.49
N LEU E 79 35.56 -7.17 24.52
CA LEU E 79 35.98 -8.49 24.08
C LEU E 79 36.70 -9.23 25.19
N GLN E 80 36.33 -10.49 25.39
CA GLN E 80 36.90 -11.34 26.42
C GLN E 80 37.30 -12.67 25.81
N THR E 81 37.81 -13.57 26.64
CA THR E 81 38.15 -14.90 26.18
C THR E 81 36.87 -15.72 26.00
N GLY E 82 36.95 -16.72 25.13
CA GLY E 82 35.80 -17.48 24.70
C GLY E 82 35.19 -16.99 23.41
N ASP E 83 35.50 -15.78 23.00
CA ASP E 83 35.06 -15.23 21.72
C ASP E 83 36.16 -15.37 20.68
N GLU E 84 36.50 -16.63 20.37
CA GLU E 84 37.52 -16.95 19.37
C GLU E 84 36.90 -17.93 18.38
N ALA E 85 36.21 -17.41 17.38
CA ALA E 85 35.54 -18.25 16.40
C ALA E 85 35.31 -17.44 15.14
N ASP E 86 34.49 -17.97 14.25
CA ASP E 86 34.14 -17.27 13.02
C ASP E 86 32.85 -16.49 13.22
N TYR E 87 32.75 -15.39 12.48
CA TYR E 87 31.55 -14.55 12.49
C TYR E 87 31.25 -14.21 11.04
N PHE E 88 30.02 -14.47 10.61
CA PHE E 88 29.70 -14.35 9.19
C PHE E 88 28.27 -13.87 9.01
N CYS E 89 28.05 -13.20 7.88
CA CYS E 89 26.76 -12.63 7.55
C CYS E 89 25.83 -13.65 6.93
N GLU E 90 24.60 -13.20 6.71
CA GLU E 90 23.57 -13.91 5.96
C GLU E 90 22.51 -12.91 5.58
N THR E 91 22.14 -12.89 4.30
CA THR E 91 21.04 -12.07 3.84
C THR E 91 20.46 -12.73 2.60
N TRP E 92 19.41 -12.14 2.06
CA TRP E 92 18.77 -12.61 0.84
C TRP E 92 19.22 -11.73 -0.31
N ASP E 93 19.65 -12.36 -1.39
CA ASP E 93 20.02 -11.66 -2.61
C ASP E 93 18.84 -11.75 -3.56
N SER E 94 18.19 -10.62 -3.81
CA SER E 94 17.05 -10.61 -4.72
C SER E 94 17.47 -10.69 -6.17
N SER E 95 18.76 -10.45 -6.47
CA SER E 95 19.23 -10.60 -7.84
C SER E 95 19.47 -12.06 -8.20
N LEU E 96 20.14 -12.80 -7.32
CA LEU E 96 20.44 -14.20 -7.56
C LEU E 96 19.32 -15.13 -7.12
N SER E 97 18.33 -14.61 -6.37
CA SER E 97 17.26 -15.40 -5.73
C SER E 97 17.84 -16.52 -4.88
N ALA E 98 18.71 -16.15 -3.95
CA ALA E 98 19.42 -17.13 -3.14
C ALA E 98 19.81 -16.51 -1.81
N VAL E 99 20.14 -17.37 -0.86
CA VAL E 99 20.70 -16.95 0.42
C VAL E 99 22.21 -16.88 0.28
N VAL E 100 22.78 -15.71 0.53
CA VAL E 100 24.22 -15.50 0.39
C VAL E 100 24.82 -15.30 1.78
N PHE E 101 26.00 -15.88 1.99
CA PHE E 101 26.73 -15.79 3.24
C PHE E 101 27.97 -14.93 3.07
N GLY E 102 28.62 -14.63 4.19
CA GLY E 102 29.84 -13.87 4.17
C GLY E 102 31.04 -14.75 3.88
N GLY E 103 32.10 -14.60 4.66
CA GLY E 103 33.25 -15.46 4.50
C GLY E 103 33.76 -15.96 5.82
N GLY E 104 33.21 -15.46 6.91
CA GLY E 104 33.71 -15.78 8.22
C GLY E 104 34.86 -14.89 8.61
N THR E 105 34.92 -14.49 9.88
CA THR E 105 35.97 -13.61 10.37
C THR E 105 36.60 -14.22 11.61
N LYS E 106 37.90 -14.50 11.54
CA LYS E 106 38.63 -14.96 12.70
C LYS E 106 38.76 -13.83 13.71
N VAL E 107 38.61 -14.16 14.99
CA VAL E 107 38.83 -13.21 16.07
C VAL E 107 39.93 -13.77 16.95
N THR E 108 41.06 -13.08 17.00
CA THR E 108 42.21 -13.51 17.77
C THR E 108 42.37 -12.59 18.99
N VAL E 109 42.30 -13.17 20.17
CA VAL E 109 42.43 -12.43 21.42
C VAL E 109 43.91 -12.24 21.70
N LEU E 110 44.32 -11.00 21.94
CA LEU E 110 45.71 -10.68 22.22
C LEU E 110 46.06 -10.84 23.71
N GLN F 1 13.07 -27.44 24.82
CA GLN F 1 14.11 -26.83 24.02
C GLN F 1 14.03 -27.31 22.58
N VAL F 2 14.42 -26.47 21.64
CA VAL F 2 14.41 -26.82 20.21
C VAL F 2 15.78 -27.37 19.84
N GLN F 3 15.80 -28.58 19.31
CA GLN F 3 17.05 -29.23 18.93
C GLN F 3 16.92 -29.85 17.55
N LEU F 4 18.01 -29.82 16.79
CA LEU F 4 18.13 -30.52 15.52
C LEU F 4 19.31 -31.47 15.61
N VAL F 5 19.05 -32.77 15.47
CA VAL F 5 20.07 -33.80 15.52
C VAL F 5 20.15 -34.44 14.15
N GLN F 6 21.34 -34.46 13.58
CA GLN F 6 21.56 -34.94 12.22
C GLN F 6 22.02 -36.39 12.26
N SER F 7 22.42 -36.91 11.10
CA SER F 7 22.94 -38.26 11.00
C SER F 7 24.45 -38.25 11.16
N GLY F 8 25.04 -39.44 11.16
CA GLY F 8 26.47 -39.56 11.35
C GLY F 8 27.24 -39.33 10.07
N THR F 9 28.57 -39.32 10.20
CA THR F 9 29.43 -39.06 9.06
C THR F 9 29.42 -40.22 8.07
N GLU F 10 29.55 -39.88 6.80
CA GLU F 10 29.48 -40.86 5.72
C GLU F 10 30.63 -40.65 4.76
N LEU F 11 31.05 -41.72 4.10
CA LEU F 11 32.15 -41.69 3.15
C LEU F 11 31.68 -42.33 1.86
N LYS F 12 31.68 -41.55 0.79
CA LYS F 12 31.13 -41.99 -0.49
C LYS F 12 32.23 -42.00 -1.55
N LYS F 13 31.89 -42.49 -2.73
CA LYS F 13 32.71 -42.56 -3.91
C LYS F 13 32.35 -41.43 -4.87
N PRO F 14 33.24 -41.10 -5.82
CA PRO F 14 32.86 -40.10 -6.83
C PRO F 14 31.79 -40.61 -7.78
N GLY F 15 30.58 -40.09 -7.64
CA GLY F 15 29.45 -40.53 -8.43
C GLY F 15 28.33 -41.15 -7.62
N ALA F 16 28.44 -41.27 -6.31
CA ALA F 16 27.44 -41.91 -5.49
C ALA F 16 26.35 -40.90 -5.12
N SER F 17 25.49 -41.27 -4.17
CA SER F 17 24.42 -40.42 -3.68
C SER F 17 24.37 -40.47 -2.18
N VAL F 18 24.42 -39.31 -1.53
CA VAL F 18 24.51 -39.20 -0.08
C VAL F 18 23.19 -38.62 0.44
N THR F 19 22.65 -39.23 1.47
CA THR F 19 21.40 -38.80 2.09
C THR F 19 21.67 -38.44 3.54
N VAL F 20 21.38 -37.19 3.90
CA VAL F 20 21.65 -36.67 5.23
C VAL F 20 20.32 -36.35 5.90
N SER F 21 20.10 -36.90 7.08
CA SER F 21 18.87 -36.70 7.82
C SER F 21 19.01 -35.55 8.80
N CYS F 22 17.88 -35.10 9.33
CA CYS F 22 17.88 -34.03 10.33
C CYS F 22 16.64 -34.20 11.20
N GLN F 23 16.81 -34.82 12.36
CA GLN F 23 15.70 -35.02 13.28
C GLN F 23 15.36 -33.70 13.98
N ALA F 24 14.07 -33.45 14.17
CA ALA F 24 13.61 -32.23 14.82
C ALA F 24 12.82 -32.55 16.08
N SER F 25 12.87 -31.63 17.03
CA SER F 25 12.13 -31.77 18.28
C SER F 25 11.95 -30.40 18.90
N GLY F 26 11.01 -30.32 19.84
CA GLY F 26 10.82 -29.11 20.62
C GLY F 26 9.93 -28.06 19.99
N TYR F 27 9.42 -28.29 18.79
CA TYR F 27 8.57 -27.31 18.14
C TYR F 27 7.66 -28.03 17.15
N THR F 28 6.63 -27.33 16.72
CA THR F 28 5.71 -27.86 15.71
C THR F 28 6.43 -27.89 14.38
N PHE F 29 6.73 -29.09 13.88
CA PHE F 29 7.59 -29.26 12.72
C PHE F 29 6.96 -28.75 11.44
N THR F 30 5.63 -28.72 11.36
CA THR F 30 4.95 -28.22 10.17
C THR F 30 4.80 -26.71 10.17
N ARG F 31 5.28 -26.03 11.20
CA ARG F 31 5.13 -24.58 11.27
C ARG F 31 6.24 -23.84 10.54
N TYR F 32 7.46 -24.37 10.55
CA TYR F 32 8.63 -23.69 10.03
C TYR F 32 9.23 -24.50 8.90
N GLY F 33 10.31 -23.99 8.32
CA GLY F 33 11.01 -24.65 7.24
C GLY F 33 12.38 -25.14 7.69
N VAL F 34 12.99 -25.95 6.84
CA VAL F 34 14.29 -26.55 7.10
C VAL F 34 15.17 -26.31 5.89
N SER F 35 16.33 -25.69 6.10
CA SER F 35 17.27 -25.44 5.02
C SER F 35 18.45 -26.39 5.11
N TRP F 36 19.35 -26.29 4.14
CA TRP F 36 20.53 -27.14 4.06
C TRP F 36 21.68 -26.32 3.50
N MET F 37 22.78 -26.26 4.24
CA MET F 37 23.98 -25.55 3.83
C MET F 37 25.17 -26.49 3.94
N ARG F 38 26.26 -26.13 3.27
CA ARG F 38 27.49 -26.91 3.33
C ARG F 38 28.64 -25.96 3.66
N GLN F 39 29.80 -26.55 3.96
CA GLN F 39 31.01 -25.79 4.23
C GLN F 39 32.20 -26.56 3.70
N ALA F 40 32.74 -26.11 2.57
CA ALA F 40 33.95 -26.69 2.03
C ALA F 40 35.13 -26.39 2.95
N PRO F 41 36.17 -27.23 2.94
CA PRO F 41 37.34 -26.95 3.80
C PRO F 41 38.13 -25.74 3.33
N GLY F 42 38.04 -24.65 4.08
CA GLY F 42 38.73 -23.41 3.75
C GLY F 42 37.82 -22.30 3.28
N GLN F 43 36.51 -22.50 3.25
CA GLN F 43 35.58 -21.51 2.74
C GLN F 43 34.47 -21.26 3.74
N GLY F 44 33.65 -20.26 3.44
CA GLY F 44 32.44 -20.00 4.21
C GLY F 44 31.32 -20.92 3.80
N LEU F 45 30.15 -20.68 4.38
CA LEU F 45 29.01 -21.52 4.08
C LEU F 45 28.46 -21.22 2.69
N GLU F 46 27.91 -22.24 2.06
CA GLU F 46 27.24 -22.12 0.77
C GLU F 46 25.85 -22.70 0.90
N TRP F 47 24.85 -21.89 0.58
CA TRP F 47 23.46 -22.32 0.65
C TRP F 47 23.16 -23.32 -0.46
N MET F 48 22.34 -24.31 -0.15
CA MET F 48 21.95 -25.31 -1.15
C MET F 48 20.47 -25.32 -1.43
N GLY F 49 19.62 -25.23 -0.42
CA GLY F 49 18.20 -25.22 -0.68
C GLY F 49 17.37 -25.53 0.55
N TRP F 50 16.08 -25.17 0.53
CA TRP F 50 15.22 -25.46 1.66
C TRP F 50 13.99 -26.27 1.30
N ILE F 51 13.08 -26.37 2.27
CA ILE F 51 11.73 -26.87 2.06
C ILE F 51 10.85 -26.15 3.07
N SER F 52 9.57 -26.01 2.73
CA SER F 52 8.56 -25.53 3.67
C SER F 52 7.66 -26.70 4.02
N VAL F 53 7.50 -26.97 5.32
CA VAL F 53 6.80 -28.18 5.76
C VAL F 53 5.28 -27.97 5.80
N HIS F 54 4.81 -26.73 5.63
CA HIS F 54 3.37 -26.46 5.55
C HIS F 54 2.72 -27.20 4.39
N ASN F 55 3.32 -27.13 3.22
CA ASN F 55 2.76 -27.74 2.02
C ASN F 55 3.75 -28.56 1.23
N GLY F 56 5.03 -28.26 1.31
CA GLY F 56 6.02 -28.91 0.48
C GLY F 56 6.34 -27.99 -0.67
N HIS F 57 7.44 -27.25 -0.55
CA HIS F 57 7.79 -26.26 -1.56
C HIS F 57 9.30 -26.02 -1.45
N THR F 58 10.06 -26.64 -2.34
CA THR F 58 11.50 -26.59 -2.28
C THR F 58 12.03 -25.49 -3.20
N THR F 59 13.15 -24.90 -2.80
CA THR F 59 13.76 -23.82 -3.57
C THR F 59 15.27 -23.97 -3.44
N TYR F 60 15.92 -24.42 -4.49
CA TYR F 60 17.34 -24.76 -4.43
C TYR F 60 18.18 -23.67 -5.07
N SER F 61 19.49 -23.74 -4.84
CA SER F 61 20.39 -22.78 -5.43
C SER F 61 20.72 -23.18 -6.86
N GLN F 62 21.53 -22.33 -7.51
CA GLN F 62 21.93 -22.53 -8.89
C GLN F 62 23.29 -23.19 -9.01
N SER F 63 24.15 -23.04 -8.01
CA SER F 63 25.51 -23.58 -8.09
C SER F 63 25.51 -25.10 -8.05
N VAL F 64 24.51 -25.71 -7.45
CA VAL F 64 24.28 -27.13 -7.60
C VAL F 64 23.38 -27.32 -8.82
N GLN F 65 23.71 -28.30 -9.66
CA GLN F 65 23.11 -28.41 -10.99
C GLN F 65 21.92 -29.36 -10.95
N GLY F 66 20.96 -29.01 -10.10
CA GLY F 66 19.77 -29.84 -9.94
C GLY F 66 20.05 -31.19 -9.32
N ARG F 67 21.09 -31.29 -8.49
CA ARG F 67 21.48 -32.56 -7.92
C ARG F 67 20.93 -32.78 -6.52
N VAL F 68 20.42 -31.75 -5.87
CA VAL F 68 19.90 -31.84 -4.51
C VAL F 68 18.40 -32.11 -4.58
N THR F 69 17.89 -32.74 -3.52
CA THR F 69 16.47 -33.01 -3.38
C THR F 69 16.16 -33.10 -1.91
N VAL F 70 15.27 -32.25 -1.42
CA VAL F 70 14.96 -32.13 0.00
C VAL F 70 13.53 -32.59 0.20
N THR F 71 13.35 -33.62 1.04
CA THR F 71 12.04 -34.12 1.40
C THR F 71 11.93 -34.15 2.92
N THR F 72 10.69 -34.31 3.42
CA THR F 72 10.44 -34.37 4.85
C THR F 72 9.55 -35.57 5.16
N ASP F 73 9.76 -36.12 6.36
CA ASP F 73 8.83 -37.06 6.97
C ASP F 73 8.06 -36.32 8.05
N THR F 74 6.75 -36.20 7.87
CA THR F 74 5.94 -35.46 8.83
C THR F 74 5.72 -36.26 10.10
N SER F 75 5.67 -37.59 9.99
CA SER F 75 5.36 -38.43 11.14
C SER F 75 6.50 -38.47 12.15
N THR F 76 7.73 -38.62 11.68
CA THR F 76 8.88 -38.70 12.56
C THR F 76 9.54 -37.36 12.80
N ASN F 77 9.02 -36.28 12.20
CA ASN F 77 9.55 -34.91 12.28
C ASN F 77 11.01 -34.85 11.84
N THR F 78 11.28 -35.35 10.64
CA THR F 78 12.65 -35.45 10.16
C THR F 78 12.71 -35.02 8.70
N ALA F 79 13.68 -34.17 8.36
CA ALA F 79 13.86 -33.68 7.01
C ALA F 79 15.13 -34.27 6.42
N TYR F 80 15.09 -34.54 5.12
CA TYR F 80 16.16 -35.26 4.43
C TYR F 80 16.81 -34.37 3.38
N MET F 81 17.93 -34.85 2.84
CA MET F 81 18.65 -34.12 1.79
C MET F 81 19.49 -35.12 1.02
N THR F 82 19.14 -35.34 -0.24
CA THR F 82 19.82 -36.31 -1.09
C THR F 82 20.59 -35.58 -2.16
N LEU F 83 21.91 -35.74 -2.16
CA LEU F 83 22.79 -35.13 -3.15
C LEU F 83 23.38 -36.22 -4.03
N ARG F 84 23.02 -36.20 -5.31
CA ARG F 84 23.49 -37.17 -6.28
C ARG F 84 24.63 -36.57 -7.11
N GLY F 85 25.35 -37.45 -7.80
CA GLY F 85 26.42 -37.05 -8.69
C GLY F 85 27.58 -36.40 -7.97
N LEU F 86 28.16 -37.13 -7.02
CA LEU F 86 29.13 -36.55 -6.10
C LEU F 86 30.46 -36.33 -6.80
N ARG F 87 30.81 -35.07 -7.02
CA ARG F 87 32.11 -34.71 -7.52
C ARG F 87 33.09 -34.71 -6.34
N THR F 88 34.39 -34.64 -6.65
CA THR F 88 35.42 -34.69 -5.62
C THR F 88 35.35 -33.46 -4.70
N ASP F 89 34.96 -32.31 -5.22
CA ASP F 89 34.88 -31.09 -4.42
C ASP F 89 33.57 -30.94 -3.66
N ASP F 90 32.81 -32.02 -3.47
CA ASP F 90 31.63 -32.01 -2.64
C ASP F 90 31.90 -32.45 -1.21
N THR F 91 33.17 -32.57 -0.83
CA THR F 91 33.52 -32.90 0.54
C THR F 91 33.28 -31.68 1.41
N ALA F 92 32.31 -31.79 2.32
CA ALA F 92 31.93 -30.63 3.12
C ALA F 92 31.25 -31.10 4.39
N VAL F 93 31.03 -30.16 5.29
CA VAL F 93 30.25 -30.40 6.50
C VAL F 93 28.86 -29.84 6.24
N TYR F 94 27.88 -30.72 6.13
CA TYR F 94 26.54 -30.35 5.69
C TYR F 94 25.66 -30.04 6.90
N TYR F 95 25.17 -28.81 6.96
CA TYR F 95 24.45 -28.31 8.12
C TYR F 95 22.95 -28.28 7.85
N CYS F 96 22.19 -28.33 8.93
CA CYS F 96 20.73 -28.28 8.93
C CYS F 96 20.30 -27.13 9.81
N ALA F 97 19.35 -26.33 9.33
CA ALA F 97 18.90 -25.17 10.07
C ALA F 97 17.38 -25.10 10.01
N ARG F 98 16.81 -24.19 10.80
CA ARG F 98 15.37 -23.97 10.81
C ARG F 98 15.11 -22.67 10.06
N TYR F 99 14.69 -22.82 8.81
CA TYR F 99 14.33 -21.70 7.95
C TYR F 99 13.12 -20.97 8.49
N ARG F 100 13.18 -19.63 8.49
CA ARG F 100 12.05 -18.82 8.94
C ARG F 100 12.18 -17.41 8.36
N GLY F 101 11.18 -16.97 7.62
CA GLY F 101 11.14 -15.61 7.12
C GLY F 101 10.51 -15.54 5.74
N SER F 102 10.83 -14.45 5.02
CA SER F 102 10.26 -14.18 3.71
C SER F 102 11.34 -13.83 2.71
N THR F 103 11.01 -14.02 1.43
CA THR F 103 11.94 -13.75 0.33
C THR F 103 11.40 -12.71 -0.64
N VAL F 104 10.34 -12.00 -0.27
CA VAL F 104 9.79 -10.90 -1.05
C VAL F 104 10.66 -9.70 -0.71
N VAL F 105 10.52 -8.58 -1.43
CA VAL F 105 11.66 -7.67 -1.69
C VAL F 105 12.23 -7.03 -0.42
N PRO F 106 11.44 -6.64 0.60
CA PRO F 106 12.05 -6.54 1.95
C PRO F 106 12.11 -7.92 2.59
N ALA F 107 13.29 -8.53 2.65
CA ALA F 107 13.42 -9.92 3.04
C ALA F 107 14.22 -10.05 4.33
N ALA F 108 13.95 -11.13 5.07
CA ALA F 108 14.66 -11.40 6.31
C ALA F 108 14.54 -12.89 6.61
N ILE F 109 15.64 -13.61 6.52
CA ILE F 109 15.71 -15.02 6.91
C ILE F 109 16.65 -15.09 8.11
N VAL F 110 16.34 -15.96 9.07
CA VAL F 110 17.02 -15.92 10.37
C VAL F 110 17.94 -17.12 10.58
N PHE F 111 17.54 -18.32 10.12
CA PHE F 111 18.25 -19.59 10.34
C PHE F 111 18.63 -19.82 11.80
N ASP F 112 17.69 -19.59 12.70
CA ASP F 112 17.96 -19.92 14.09
C ASP F 112 17.93 -21.43 14.29
N PHE F 113 18.55 -21.88 15.39
CA PHE F 113 18.47 -23.25 15.89
C PHE F 113 19.00 -24.26 14.87
N TRP F 114 20.30 -24.17 14.64
CA TRP F 114 21.04 -25.00 13.70
C TRP F 114 21.18 -26.44 14.20
N GLY F 115 21.75 -27.29 13.35
CA GLY F 115 22.15 -28.63 13.72
C GLY F 115 23.67 -28.76 13.71
N GLN F 116 24.16 -29.87 14.26
CA GLN F 116 25.57 -29.96 14.61
C GLN F 116 26.48 -30.21 13.41
N GLY F 117 25.95 -30.53 12.25
CA GLY F 117 26.82 -30.70 11.10
C GLY F 117 27.17 -32.16 10.88
N THR F 118 27.46 -32.48 9.62
CA THR F 118 27.74 -33.85 9.21
C THR F 118 28.79 -33.83 8.12
N LEU F 119 29.92 -34.49 8.37
CA LEU F 119 31.00 -34.53 7.39
C LEU F 119 30.75 -35.63 6.37
N VAL F 120 30.76 -35.27 5.09
CA VAL F 120 30.64 -36.22 4.00
C VAL F 120 31.90 -36.14 3.18
N THR F 121 32.59 -37.27 3.02
CA THR F 121 33.84 -37.34 2.28
C THR F 121 33.62 -38.14 1.00
N VAL F 122 33.93 -37.55 -0.13
CA VAL F 122 33.78 -38.19 -1.43
C VAL F 122 35.18 -38.49 -1.95
N SER F 123 35.60 -39.75 -1.83
CA SER F 123 36.96 -40.14 -2.19
C SER F 123 36.97 -41.62 -2.50
N SER F 124 38.17 -42.21 -2.59
CA SER F 124 38.33 -43.63 -2.84
C SER F 124 39.17 -44.30 -1.74
#